data_1WM9
#
_entry.id   1WM9
#
_cell.length_a   160.220
_cell.length_b   110.477
_cell.length_c   70.650
_cell.angle_alpha   90.00
_cell.angle_beta   105.27
_cell.angle_gamma   90.00
#
_symmetry.space_group_name_H-M   'C 1 2 1'
#
loop_
_entity.id
_entity.type
_entity.pdbx_description
1 polymer 'GTP cyclohydrolase I'
2 non-polymer 'ZINC ION'
3 water water
#
_entity_poly.entity_id   1
_entity_poly.type   'polypeptide(L)'
_entity_poly.pdbx_seq_one_letter_code
;MSPGPQSGGQERGSMERKMVELEDTGLTFATEVDLERLQALAAEWLQVIGEDPGREGLLKTPERVAKAWAFLTRGYRQRL
EEVVGGAVFPAEGSEMVVVKGVEFYSMCEHHLLPFFGKVHIGYIPDGKILGLSKFARIVDMFARRLQVQERLAVQIAEAI
QEVLEPQGVGVVVEGVHLCMMMRGVEKQHSRTVTSAMLGVFRENQKTREEFLSHLRDGTA
;
_entity_poly.pdbx_strand_id   A,B,C,D,E
#
# COMPACT_ATOMS: atom_id res chain seq x y z
N GLU A 32 -1.09 36.06 32.97
CA GLU A 32 -1.35 35.04 31.91
C GLU A 32 -2.80 35.17 31.44
N VAL A 33 -3.56 34.09 31.56
CA VAL A 33 -4.95 34.07 31.17
C VAL A 33 -5.80 34.30 32.42
N ASP A 34 -6.75 35.22 32.32
CA ASP A 34 -7.64 35.56 33.43
C ASP A 34 -8.66 34.43 33.61
N LEU A 35 -8.30 33.42 34.40
CA LEU A 35 -9.16 32.28 34.65
C LEU A 35 -10.52 32.66 35.22
N GLU A 36 -10.55 33.70 36.04
CA GLU A 36 -11.80 34.15 36.65
C GLU A 36 -12.80 34.64 35.62
N ARG A 37 -12.32 35.42 34.64
CA ARG A 37 -13.20 35.91 33.60
C ARG A 37 -13.67 34.76 32.71
N LEU A 38 -12.77 33.82 32.43
CA LEU A 38 -13.14 32.66 31.61
C LEU A 38 -14.24 31.88 32.32
N GLN A 39 -14.11 31.69 33.63
CA GLN A 39 -15.09 30.97 34.43
C GLN A 39 -16.46 31.64 34.33
N ALA A 40 -16.47 32.96 34.49
CA ALA A 40 -17.70 33.75 34.43
C ALA A 40 -18.36 33.62 33.07
N LEU A 41 -17.55 33.76 32.02
CA LEU A 41 -18.04 33.64 30.66
C LEU A 41 -18.65 32.26 30.42
N ALA A 42 -17.97 31.24 30.92
CA ALA A 42 -18.44 29.85 30.78
C ALA A 42 -19.74 29.59 31.55
N ALA A 43 -19.84 30.17 32.75
CA ALA A 43 -21.03 30.01 33.58
C ALA A 43 -22.24 30.59 32.85
N GLU A 44 -22.02 31.74 32.19
CA GLU A 44 -23.09 32.41 31.47
C GLU A 44 -23.45 31.64 30.21
N TRP A 45 -22.44 31.08 29.56
CA TRP A 45 -22.61 30.29 28.33
C TRP A 45 -23.57 29.15 28.62
N LEU A 46 -23.40 28.52 29.79
CA LEU A 46 -24.25 27.42 30.20
C LEU A 46 -25.71 27.88 30.30
N GLN A 47 -25.93 29.04 30.93
CA GLN A 47 -27.26 29.59 31.08
C GLN A 47 -27.92 29.87 29.73
N VAL A 48 -27.17 30.53 28.85
CA VAL A 48 -27.67 30.90 27.53
C VAL A 48 -28.06 29.72 26.63
N ILE A 49 -27.29 28.64 26.64
CA ILE A 49 -27.64 27.47 25.80
C ILE A 49 -28.85 26.71 26.34
N GLY A 50 -29.27 27.05 27.57
CA GLY A 50 -30.44 26.42 28.15
C GLY A 50 -30.21 25.51 29.35
N GLU A 51 -28.96 25.36 29.77
CA GLU A 51 -28.64 24.50 30.89
C GLU A 51 -28.76 25.17 32.26
N ASP A 52 -28.62 24.35 33.29
CA ASP A 52 -28.68 24.80 34.67
C ASP A 52 -27.27 24.72 35.27
N PRO A 53 -26.60 25.87 35.42
CA PRO A 53 -25.25 25.92 35.99
C PRO A 53 -25.22 25.45 37.44
N GLY A 54 -26.40 25.29 38.02
CA GLY A 54 -26.51 24.85 39.40
C GLY A 54 -26.46 23.35 39.62
N ARG A 55 -26.85 22.55 38.64
CA ARG A 55 -26.85 21.11 38.80
C ARG A 55 -25.47 20.50 39.07
N GLU A 56 -25.48 19.41 39.81
CA GLU A 56 -24.26 18.70 40.22
C GLU A 56 -23.21 18.44 39.14
N GLY A 57 -23.66 18.09 37.94
CA GLY A 57 -22.71 17.81 36.87
C GLY A 57 -22.06 19.02 36.23
N LEU A 58 -22.57 20.21 36.52
CA LEU A 58 -22.02 21.44 35.94
C LEU A 58 -21.41 22.43 36.94
N LEU A 59 -21.57 22.16 38.24
CA LEU A 59 -21.04 23.05 39.28
C LEU A 59 -19.57 23.45 39.07
N LYS A 60 -18.72 22.47 38.79
CA LYS A 60 -17.30 22.74 38.58
C LYS A 60 -16.90 22.89 37.12
N THR A 61 -17.89 22.87 36.22
CA THR A 61 -17.61 22.97 34.79
C THR A 61 -16.91 24.26 34.34
N PRO A 62 -17.39 25.44 34.79
CA PRO A 62 -16.73 26.70 34.39
C PRO A 62 -15.25 26.67 34.74
N GLU A 63 -14.94 26.19 35.94
CA GLU A 63 -13.56 26.09 36.41
C GLU A 63 -12.72 25.16 35.53
N ARG A 64 -13.24 23.96 35.29
CA ARG A 64 -12.55 22.98 34.45
C ARG A 64 -12.35 23.50 33.03
N VAL A 65 -13.37 24.18 32.50
CA VAL A 65 -13.29 24.74 31.15
C VAL A 65 -12.27 25.86 31.07
N ALA A 66 -12.18 26.68 32.12
CA ALA A 66 -11.21 27.78 32.14
C ALA A 66 -9.81 27.22 32.08
N LYS A 67 -9.53 26.22 32.92
CA LYS A 67 -8.23 25.59 32.95
C LYS A 67 -7.93 24.94 31.61
N ALA A 68 -8.91 24.23 31.07
CA ALA A 68 -8.75 23.54 29.79
C ALA A 68 -8.31 24.49 28.69
N TRP A 69 -9.01 25.62 28.55
CA TRP A 69 -8.68 26.60 27.54
C TRP A 69 -7.35 27.32 27.73
N ALA A 70 -6.91 27.41 28.98
CA ALA A 70 -5.64 28.04 29.27
C ALA A 70 -4.58 27.09 28.70
N PHE A 71 -4.81 25.79 28.89
CA PHE A 71 -3.92 24.76 28.38
C PHE A 71 -3.95 24.68 26.85
N LEU A 72 -5.15 24.73 26.27
CA LEU A 72 -5.32 24.64 24.84
C LEU A 72 -4.74 25.82 24.08
N THR A 73 -4.37 26.88 24.81
CA THR A 73 -3.81 28.08 24.19
C THR A 73 -2.45 28.44 24.74
N ARG A 74 -1.86 27.54 25.53
CA ARG A 74 -0.55 27.77 26.13
C ARG A 74 0.55 27.96 25.07
N GLY A 75 0.25 27.57 23.83
CA GLY A 75 1.20 27.69 22.76
C GLY A 75 1.57 29.13 22.41
N TYR A 76 0.61 30.04 22.55
CA TYR A 76 0.83 31.45 22.27
C TYR A 76 1.90 32.00 23.22
N ARG A 77 1.86 31.53 24.47
CA ARG A 77 2.77 31.96 25.51
C ARG A 77 4.10 31.20 25.60
N GLN A 78 4.44 30.42 24.59
CA GLN A 78 5.70 29.69 24.61
C GLN A 78 6.79 30.33 23.73
N ARG A 79 8.03 30.05 24.09
CA ARG A 79 9.19 30.58 23.37
C ARG A 79 9.96 29.42 22.73
N LEU A 80 10.18 29.51 21.43
CA LEU A 80 10.88 28.47 20.68
C LEU A 80 12.24 28.08 21.30
N GLU A 81 12.99 29.08 21.78
CA GLU A 81 14.30 28.81 22.38
C GLU A 81 14.18 28.00 23.68
N GLU A 82 13.13 28.26 24.45
CA GLU A 82 12.91 27.53 25.69
C GLU A 82 12.39 26.13 25.39
N VAL A 83 11.58 26.02 24.34
CA VAL A 83 11.00 24.74 23.91
C VAL A 83 12.07 23.75 23.43
N VAL A 84 13.06 24.27 22.69
CA VAL A 84 14.14 23.45 22.16
C VAL A 84 15.16 23.10 23.28
N GLY A 85 15.38 24.05 24.19
CA GLY A 85 16.32 23.83 25.28
C GLY A 85 17.74 23.57 24.80
N GLY A 86 18.37 22.56 25.37
CA GLY A 86 19.73 22.22 24.96
C GLY A 86 19.76 20.91 24.19
N ALA A 87 18.75 20.71 23.35
CA ALA A 87 18.65 19.49 22.57
C ALA A 87 19.03 19.64 21.11
N VAL A 88 20.11 20.37 20.85
CA VAL A 88 20.62 20.56 19.50
C VAL A 88 22.00 19.91 19.53
N PHE A 89 22.21 18.92 18.66
CA PHE A 89 23.47 18.18 18.61
C PHE A 89 24.09 18.19 17.21
N PRO A 90 25.37 17.78 17.12
CA PRO A 90 26.08 17.75 15.83
C PRO A 90 25.49 16.67 14.94
N ALA A 91 25.42 16.92 13.64
CA ALA A 91 24.89 15.96 12.70
C ALA A 91 25.83 14.76 12.58
N GLU A 92 25.25 13.57 12.47
CA GLU A 92 26.01 12.33 12.35
C GLU A 92 26.18 11.96 10.90
N GLY A 93 25.35 12.55 10.05
CA GLY A 93 25.40 12.29 8.62
C GLY A 93 24.75 13.41 7.83
N SER A 94 24.59 13.19 6.52
CA SER A 94 23.99 14.17 5.64
C SER A 94 22.69 13.64 5.03
N GLU A 95 22.21 12.52 5.56
CA GLU A 95 20.99 11.93 5.05
C GLU A 95 19.73 12.51 5.72
N MET A 96 18.61 12.36 5.04
CA MET A 96 17.32 12.85 5.52
C MET A 96 16.84 12.15 6.79
N VAL A 97 16.36 12.92 7.75
CA VAL A 97 15.81 12.37 8.98
C VAL A 97 14.31 12.65 8.89
N VAL A 98 13.49 11.63 9.07
CA VAL A 98 12.05 11.78 9.01
C VAL A 98 11.43 11.33 10.34
N VAL A 99 10.75 12.28 11.01
CA VAL A 99 10.05 11.98 12.25
C VAL A 99 8.57 12.00 11.89
N LYS A 100 7.94 10.83 11.88
CA LYS A 100 6.53 10.78 11.50
C LYS A 100 5.53 10.34 12.57
N GLY A 101 4.26 10.60 12.28
CA GLY A 101 3.19 10.20 13.17
C GLY A 101 3.10 10.94 14.50
N VAL A 102 3.64 12.16 14.56
CA VAL A 102 3.56 12.94 15.78
C VAL A 102 2.12 13.43 15.89
N GLU A 103 1.35 12.84 16.80
CA GLU A 103 -0.04 13.22 16.95
C GLU A 103 -0.18 14.65 17.49
N PHE A 104 -1.18 15.36 16.98
CA PHE A 104 -1.44 16.73 17.40
C PHE A 104 -2.92 16.94 17.62
N TYR A 105 -3.25 17.99 18.36
CA TYR A 105 -4.62 18.37 18.63
C TYR A 105 -4.63 19.88 18.62
N SER A 106 -5.56 20.45 17.87
CA SER A 106 -5.67 21.89 17.75
C SER A 106 -7.15 22.33 17.77
N MET A 107 -7.36 23.63 17.60
CA MET A 107 -8.70 24.24 17.57
C MET A 107 -8.80 25.10 16.33
N CYS A 108 -9.84 24.89 15.52
CA CYS A 108 -9.97 25.71 14.33
C CYS A 108 -10.41 27.11 14.73
N GLU A 109 -9.75 28.11 14.16
CA GLU A 109 -10.07 29.49 14.49
C GLU A 109 -11.42 29.92 13.91
N HIS A 110 -11.97 29.10 13.01
CA HIS A 110 -13.26 29.42 12.40
C HIS A 110 -14.51 29.04 13.20
N HIS A 111 -14.47 27.90 13.90
CA HIS A 111 -15.63 27.47 14.68
C HIS A 111 -15.30 27.12 16.13
N LEU A 112 -14.03 27.20 16.50
CA LEU A 112 -13.57 26.84 17.84
C LEU A 112 -13.89 25.39 18.18
N LEU A 113 -13.76 24.51 17.19
CA LEU A 113 -13.99 23.08 17.39
C LEU A 113 -12.67 22.38 17.09
N PRO A 114 -12.38 21.28 17.78
CA PRO A 114 -11.11 20.60 17.54
C PRO A 114 -10.89 19.96 16.17
N PHE A 115 -9.64 19.99 15.76
CA PHE A 115 -9.21 19.31 14.56
C PHE A 115 -7.91 18.65 15.01
N PHE A 116 -7.73 17.38 14.67
CA PHE A 116 -6.59 16.64 15.13
C PHE A 116 -6.09 15.61 14.14
N GLY A 117 -4.90 15.08 14.38
CA GLY A 117 -4.34 14.09 13.49
C GLY A 117 -2.87 13.83 13.75
N LYS A 118 -2.08 13.86 12.69
CA LYS A 118 -0.65 13.61 12.80
C LYS A 118 0.18 14.59 12.00
N VAL A 119 1.41 14.80 12.45
CA VAL A 119 2.35 15.70 11.77
C VAL A 119 3.59 14.89 11.41
N HIS A 120 3.99 14.96 10.14
CA HIS A 120 5.17 14.25 9.67
C HIS A 120 6.26 15.26 9.33
N ILE A 121 7.42 15.13 9.96
CA ILE A 121 8.51 16.06 9.73
C ILE A 121 9.72 15.41 9.08
N GLY A 122 10.27 16.08 8.08
CA GLY A 122 11.45 15.55 7.40
C GLY A 122 12.46 16.66 7.17
N TYR A 123 13.75 16.37 7.35
CA TYR A 123 14.78 17.38 7.12
C TYR A 123 16.14 16.80 6.81
N ILE A 124 16.95 17.58 6.11
CA ILE A 124 18.31 17.21 5.75
C ILE A 124 19.19 18.20 6.51
N PRO A 125 19.99 17.70 7.47
CA PRO A 125 20.88 18.49 8.31
C PRO A 125 21.99 19.26 7.61
N ASP A 126 22.51 20.23 8.34
CA ASP A 126 23.64 21.05 7.92
C ASP A 126 24.42 21.29 9.19
N GLY A 127 25.06 20.22 9.68
CA GLY A 127 25.84 20.30 10.89
C GLY A 127 25.07 20.17 12.19
N LYS A 128 23.76 20.37 12.16
CA LYS A 128 22.94 20.29 13.37
C LYS A 128 21.70 19.41 13.25
N ILE A 129 21.43 18.64 14.30
CA ILE A 129 20.25 17.78 14.37
C ILE A 129 19.57 18.05 15.71
N LEU A 130 18.25 17.84 15.76
CA LEU A 130 17.50 18.10 16.98
C LEU A 130 17.11 16.85 17.75
N GLY A 131 16.94 17.00 19.06
CA GLY A 131 16.50 15.89 19.87
C GLY A 131 15.09 15.58 19.37
N LEU A 132 14.86 14.33 18.99
CA LEU A 132 13.57 13.90 18.45
C LEU A 132 12.32 14.35 19.23
N SER A 133 12.40 14.35 20.55
CA SER A 133 11.28 14.78 21.37
C SER A 133 10.94 16.27 21.21
N LYS A 134 11.91 17.07 20.79
CA LYS A 134 11.70 18.50 20.59
C LYS A 134 10.80 18.79 19.39
N PHE A 135 10.74 17.87 18.44
CA PHE A 135 9.87 18.04 17.27
C PHE A 135 8.42 18.03 17.77
N ALA A 136 8.14 17.12 18.69
CA ALA A 136 6.82 16.96 19.29
C ALA A 136 6.48 18.23 20.08
N ARG A 137 7.47 18.77 20.77
CA ARG A 137 7.29 20.00 21.56
C ARG A 137 7.02 21.19 20.64
N ILE A 138 7.70 21.25 19.50
CA ILE A 138 7.47 22.33 18.54
C ILE A 138 6.05 22.21 17.97
N VAL A 139 5.67 20.99 17.59
CA VAL A 139 4.33 20.71 17.06
C VAL A 139 3.25 21.20 18.04
N ASP A 140 3.42 20.88 19.32
CA ASP A 140 2.46 21.29 20.36
C ASP A 140 2.41 22.80 20.55
N MET A 141 3.57 23.44 20.45
CA MET A 141 3.67 24.89 20.63
C MET A 141 2.76 25.62 19.64
N PHE A 142 2.74 25.16 18.39
CA PHE A 142 1.92 25.79 17.38
C PHE A 142 0.53 25.18 17.25
N ALA A 143 0.31 24.02 17.82
CA ALA A 143 -1.00 23.35 17.75
C ALA A 143 -1.92 23.86 18.86
N ARG A 144 -1.34 24.16 20.01
CA ARG A 144 -2.11 24.63 21.14
C ARG A 144 -2.38 26.14 21.04
N ARG A 145 -3.12 26.47 19.99
CA ARG A 145 -3.53 27.82 19.62
C ARG A 145 -4.74 27.64 18.73
N LEU A 146 -5.35 28.76 18.33
CA LEU A 146 -6.46 28.73 17.38
C LEU A 146 -5.73 28.67 16.05
N GLN A 147 -6.08 27.70 15.21
CA GLN A 147 -5.38 27.52 13.94
C GLN A 147 -6.23 27.15 12.73
N VAL A 148 -5.56 27.14 11.59
CA VAL A 148 -6.10 26.66 10.31
C VAL A 148 -4.95 25.73 9.92
N GLN A 149 -5.27 24.53 9.48
CA GLN A 149 -4.24 23.54 9.19
C GLN A 149 -3.13 23.98 8.22
N GLU A 150 -3.47 24.84 7.26
CA GLU A 150 -2.50 25.34 6.28
C GLU A 150 -1.36 26.07 6.99
N ARG A 151 -1.71 26.91 7.96
CA ARG A 151 -0.76 27.70 8.73
C ARG A 151 0.08 26.83 9.67
N LEU A 152 -0.58 25.88 10.33
CA LEU A 152 0.08 24.96 11.26
C LEU A 152 1.32 24.29 10.64
N ALA A 153 1.20 23.84 9.40
CA ALA A 153 2.31 23.17 8.72
C ALA A 153 3.46 24.14 8.47
N VAL A 154 3.11 25.34 8.03
CA VAL A 154 4.09 26.39 7.74
C VAL A 154 4.88 26.84 8.97
N GLN A 155 4.18 27.09 10.07
CA GLN A 155 4.84 27.53 11.28
C GLN A 155 5.75 26.48 11.89
N ILE A 156 5.33 25.21 11.79
CA ILE A 156 6.14 24.11 12.32
C ILE A 156 7.42 24.03 11.50
N ALA A 157 7.28 24.08 10.18
CA ALA A 157 8.42 24.03 9.29
C ALA A 157 9.38 25.22 9.52
N GLU A 158 8.83 26.41 9.69
CA GLU A 158 9.63 27.61 9.91
C GLU A 158 10.37 27.59 11.22
N ALA A 159 9.73 27.03 12.25
CA ALA A 159 10.33 26.93 13.56
C ALA A 159 11.56 26.02 13.52
N ILE A 160 11.46 24.95 12.74
CA ILE A 160 12.55 23.98 12.59
C ILE A 160 13.69 24.57 11.77
N GLN A 161 13.33 25.37 10.77
CA GLN A 161 14.32 26.02 9.92
C GLN A 161 15.12 27.02 10.77
N GLU A 162 14.44 27.69 11.69
CA GLU A 162 15.08 28.68 12.57
C GLU A 162 16.02 28.03 13.57
N VAL A 163 15.62 26.88 14.11
CA VAL A 163 16.39 26.16 15.11
C VAL A 163 17.62 25.42 14.58
N LEU A 164 17.49 24.80 13.41
CA LEU A 164 18.58 24.01 12.85
C LEU A 164 19.28 24.57 11.61
N GLU A 165 18.65 25.53 10.95
CA GLU A 165 19.19 26.10 9.71
C GLU A 165 19.64 24.92 8.83
N PRO A 166 18.74 23.94 8.61
CA PRO A 166 19.07 22.78 7.79
C PRO A 166 19.11 23.10 6.31
N GLN A 167 19.54 22.13 5.51
CA GLN A 167 19.58 22.32 4.07
C GLN A 167 18.16 22.38 3.52
N GLY A 168 17.21 21.84 4.29
CA GLY A 168 15.82 21.83 3.88
C GLY A 168 14.93 21.20 4.93
N VAL A 169 13.65 21.55 4.90
CA VAL A 169 12.66 21.03 5.85
C VAL A 169 11.35 20.72 5.14
N GLY A 170 10.74 19.61 5.54
CA GLY A 170 9.47 19.22 4.98
C GLY A 170 8.52 18.88 6.12
N VAL A 171 7.30 19.38 6.04
CA VAL A 171 6.30 19.11 7.08
C VAL A 171 4.95 18.81 6.44
N VAL A 172 4.38 17.66 6.79
CA VAL A 172 3.07 17.26 6.30
C VAL A 172 2.12 17.07 7.49
N VAL A 173 0.94 17.69 7.40
CA VAL A 173 -0.06 17.60 8.46
C VAL A 173 -1.31 16.92 7.93
N GLU A 174 -1.73 15.87 8.60
CA GLU A 174 -2.93 15.18 8.16
C GLU A 174 -3.91 15.19 9.32
N GLY A 175 -5.08 15.79 9.11
CA GLY A 175 -6.03 15.82 10.20
C GLY A 175 -7.49 15.77 9.84
N VAL A 176 -8.30 15.33 10.80
CA VAL A 176 -9.74 15.27 10.65
C VAL A 176 -10.29 16.50 11.40
N HIS A 177 -11.35 17.10 10.87
CA HIS A 177 -11.93 18.30 11.45
C HIS A 177 -13.35 18.10 11.95
N LEU A 178 -13.56 18.27 13.26
CA LEU A 178 -14.89 18.09 13.84
C LEU A 178 -15.92 19.12 13.39
N CYS A 179 -15.47 20.30 12.97
CA CYS A 179 -16.40 21.32 12.50
C CYS A 179 -17.01 20.87 11.16
N MET A 180 -16.48 19.79 10.62
CA MET A 180 -16.94 19.22 9.34
C MET A 180 -17.67 17.90 9.56
N MET A 181 -17.47 17.30 10.73
CA MET A 181 -18.09 16.01 11.04
C MET A 181 -19.23 16.13 12.05
N MET A 182 -18.99 16.90 13.09
CA MET A 182 -19.90 17.13 14.19
C MET A 182 -21.05 18.09 13.87
N ARG A 183 -20.91 18.83 12.78
CA ARG A 183 -21.92 19.81 12.37
C ARG A 183 -21.84 20.16 10.88
N GLY A 184 -22.70 21.08 10.46
CA GLY A 184 -22.73 21.54 9.08
C GLY A 184 -22.87 20.46 8.03
N VAL A 185 -21.83 20.30 7.21
CA VAL A 185 -21.82 19.30 6.15
C VAL A 185 -21.89 17.88 6.70
N GLU A 186 -21.39 17.68 7.93
CA GLU A 186 -21.42 16.38 8.59
C GLU A 186 -20.81 15.19 7.82
N LYS A 187 -19.76 15.44 7.05
CA LYS A 187 -19.07 14.38 6.31
C LYS A 187 -18.30 13.58 7.35
N GLN A 188 -18.18 12.27 7.13
CA GLN A 188 -17.50 11.38 8.08
C GLN A 188 -16.17 10.77 7.63
N HIS A 189 -16.01 10.55 6.33
CA HIS A 189 -14.78 9.93 5.82
C HIS A 189 -13.65 10.86 5.40
N SER A 190 -13.86 12.15 5.50
CA SER A 190 -12.84 13.11 5.05
C SER A 190 -11.67 13.39 5.98
N ARG A 191 -10.51 13.60 5.36
CA ARG A 191 -9.27 13.94 6.06
C ARG A 191 -8.62 15.02 5.19
N THR A 192 -7.89 15.94 5.81
CA THR A 192 -7.24 17.01 5.05
C THR A 192 -5.72 16.97 5.17
N VAL A 193 -5.06 17.14 4.04
CA VAL A 193 -3.61 17.14 4.00
C VAL A 193 -3.06 18.49 3.59
N THR A 194 -2.23 19.07 4.46
CA THR A 194 -1.55 20.34 4.20
C THR A 194 -0.05 20.10 4.41
N SER A 195 0.77 21.00 3.90
CA SER A 195 2.22 20.85 4.07
C SER A 195 2.97 22.14 3.82
N ALA A 196 4.26 22.11 4.15
CA ALA A 196 5.17 23.23 3.99
C ALA A 196 6.53 22.63 3.63
N MET A 197 7.15 23.15 2.57
CA MET A 197 8.45 22.68 2.10
C MET A 197 9.43 23.85 2.04
N LEU A 198 10.54 23.72 2.75
CA LEU A 198 11.57 24.76 2.78
C LEU A 198 12.92 24.24 2.28
N GLY A 199 13.76 25.15 1.81
CA GLY A 199 15.08 24.79 1.31
C GLY A 199 15.05 23.75 0.20
N VAL A 200 15.86 22.70 0.36
CA VAL A 200 15.95 21.65 -0.65
C VAL A 200 14.67 20.83 -0.83
N PHE A 201 13.80 20.82 0.19
CA PHE A 201 12.54 20.08 0.09
C PHE A 201 11.59 20.81 -0.89
N ARG A 202 11.81 22.10 -1.08
CA ARG A 202 10.99 22.88 -2.00
C ARG A 202 11.58 22.91 -3.41
N GLU A 203 12.89 23.10 -3.50
CA GLU A 203 13.58 23.20 -4.78
C GLU A 203 14.00 21.93 -5.46
N ASN A 204 14.21 20.88 -4.68
CA ASN A 204 14.63 19.60 -5.22
C ASN A 204 13.46 18.63 -5.22
N GLN A 205 12.94 18.38 -6.42
CA GLN A 205 11.80 17.48 -6.65
C GLN A 205 12.03 16.08 -6.11
N LYS A 206 13.23 15.54 -6.37
CA LYS A 206 13.58 14.20 -5.92
C LYS A 206 13.60 14.10 -4.40
N THR A 207 14.07 15.16 -3.77
CA THR A 207 14.14 15.20 -2.31
C THR A 207 12.74 15.26 -1.70
N ARG A 208 11.85 16.04 -2.30
CA ARG A 208 10.48 16.16 -1.80
C ARG A 208 9.77 14.83 -1.96
N GLU A 209 9.93 14.25 -3.14
CA GLU A 209 9.34 12.97 -3.49
C GLU A 209 9.80 11.84 -2.55
N GLU A 210 11.08 11.82 -2.23
CA GLU A 210 11.63 10.79 -1.34
C GLU A 210 11.01 10.91 0.06
N PHE A 211 10.87 12.15 0.54
CA PHE A 211 10.27 12.43 1.85
C PHE A 211 8.82 11.90 1.84
N LEU A 212 8.06 12.26 0.81
CA LEU A 212 6.66 11.85 0.69
C LEU A 212 6.49 10.33 0.55
N SER A 213 7.42 9.69 -0.16
CA SER A 213 7.37 8.24 -0.32
C SER A 213 7.56 7.54 1.04
N HIS A 214 8.36 8.15 1.91
CA HIS A 214 8.59 7.59 3.25
C HIS A 214 7.32 7.59 4.10
N LEU A 215 6.40 8.48 3.77
CA LEU A 215 5.15 8.58 4.51
C LEU A 215 4.13 7.55 4.05
N ARG A 216 4.41 6.93 2.91
CA ARG A 216 3.52 5.91 2.35
C ARG A 216 3.82 4.52 2.90
N GLU B 32 -40.20 24.73 -4.16
CA GLU B 32 -39.72 24.97 -5.56
C GLU B 32 -40.17 23.87 -6.52
N VAL B 33 -40.21 22.63 -6.02
CA VAL B 33 -40.63 21.46 -6.79
C VAL B 33 -42.09 21.15 -6.45
N ASP B 34 -42.86 20.77 -7.46
CA ASP B 34 -44.28 20.43 -7.27
C ASP B 34 -44.39 19.08 -6.57
N LEU B 35 -44.32 19.12 -5.24
CA LEU B 35 -44.40 17.91 -4.43
C LEU B 35 -45.71 17.14 -4.63
N GLU B 36 -46.81 17.88 -4.81
CA GLU B 36 -48.11 17.25 -5.01
C GLU B 36 -48.16 16.42 -6.29
N ARG B 37 -47.49 16.89 -7.34
CA ARG B 37 -47.46 16.17 -8.60
C ARG B 37 -46.54 14.96 -8.50
N LEU B 38 -45.43 15.08 -7.76
CA LEU B 38 -44.53 13.96 -7.58
C LEU B 38 -45.24 12.85 -6.82
N GLN B 39 -46.03 13.23 -5.82
CA GLN B 39 -46.80 12.28 -5.01
C GLN B 39 -47.72 11.44 -5.90
N ALA B 40 -48.46 12.12 -6.77
CA ALA B 40 -49.39 11.47 -7.68
C ALA B 40 -48.66 10.51 -8.61
N LEU B 41 -47.57 10.98 -9.19
CA LEU B 41 -46.77 10.16 -10.10
C LEU B 41 -46.29 8.90 -9.38
N ALA B 42 -45.79 9.07 -8.15
CA ALA B 42 -45.30 7.96 -7.34
C ALA B 42 -46.43 6.99 -6.98
N ALA B 43 -47.61 7.53 -6.69
CA ALA B 43 -48.77 6.71 -6.33
C ALA B 43 -49.15 5.83 -7.52
N GLU B 44 -49.13 6.43 -8.71
CA GLU B 44 -49.44 5.70 -9.93
C GLU B 44 -48.32 4.69 -10.20
N TRP B 45 -47.09 5.07 -9.88
CA TRP B 45 -45.93 4.18 -10.07
C TRP B 45 -46.15 2.89 -9.28
N LEU B 46 -46.48 3.04 -8.00
CA LEU B 46 -46.72 1.88 -7.13
C LEU B 46 -47.78 0.94 -7.70
N GLN B 47 -48.86 1.51 -8.22
CA GLN B 47 -49.97 0.74 -8.79
C GLN B 47 -49.56 -0.01 -10.05
N VAL B 48 -48.77 0.63 -10.92
CA VAL B 48 -48.31 0.03 -12.18
C VAL B 48 -47.32 -1.12 -12.02
N ILE B 49 -46.47 -1.06 -10.99
CA ILE B 49 -45.50 -2.14 -10.77
C ILE B 49 -46.16 -3.39 -10.18
N GLY B 50 -47.40 -3.27 -9.74
CA GLY B 50 -48.10 -4.41 -9.20
C GLY B 50 -48.37 -4.36 -7.71
N GLU B 51 -48.02 -3.26 -7.08
CA GLU B 51 -48.22 -3.10 -5.64
C GLU B 51 -49.56 -2.46 -5.29
N ASP B 52 -49.92 -2.57 -4.01
CA ASP B 52 -51.16 -2.00 -3.50
C ASP B 52 -50.85 -0.68 -2.78
N PRO B 53 -51.25 0.46 -3.37
CA PRO B 53 -51.01 1.79 -2.79
C PRO B 53 -51.72 1.96 -1.43
N GLY B 54 -52.63 1.04 -1.13
CA GLY B 54 -53.38 1.08 0.12
C GLY B 54 -52.73 0.40 1.30
N ARG B 55 -51.70 -0.41 1.06
CA ARG B 55 -50.98 -1.12 2.13
C ARG B 55 -50.55 -0.15 3.21
N GLU B 56 -50.45 -0.65 4.45
CA GLU B 56 -50.03 0.20 5.56
C GLU B 56 -48.58 0.64 5.38
N GLY B 57 -47.79 -0.16 4.68
CA GLY B 57 -46.40 0.19 4.47
C GLY B 57 -46.15 1.11 3.27
N LEU B 58 -47.21 1.43 2.53
CA LEU B 58 -47.09 2.30 1.35
C LEU B 58 -47.97 3.53 1.39
N LEU B 59 -48.85 3.63 2.39
CA LEU B 59 -49.75 4.77 2.51
C LEU B 59 -49.04 6.12 2.36
N LYS B 60 -47.98 6.32 3.13
CA LYS B 60 -47.21 7.56 3.09
C LYS B 60 -45.99 7.52 2.18
N THR B 61 -45.89 6.48 1.34
CA THR B 61 -44.74 6.35 0.46
C THR B 61 -44.62 7.41 -0.62
N PRO B 62 -45.72 7.71 -1.35
CA PRO B 62 -45.64 8.74 -2.40
C PRO B 62 -45.18 10.09 -1.83
N GLU B 63 -45.62 10.39 -0.61
CA GLU B 63 -45.25 11.64 0.06
C GLU B 63 -43.75 11.64 0.40
N ARG B 64 -43.29 10.53 0.99
CA ARG B 64 -41.89 10.39 1.37
C ARG B 64 -40.98 10.42 0.13
N VAL B 65 -41.42 9.76 -0.93
CA VAL B 65 -40.67 9.71 -2.18
C VAL B 65 -40.51 11.10 -2.78
N ALA B 66 -41.60 11.87 -2.76
CA ALA B 66 -41.59 13.24 -3.29
C ALA B 66 -40.57 14.10 -2.55
N LYS B 67 -40.64 14.09 -1.22
CA LYS B 67 -39.72 14.85 -0.39
C LYS B 67 -38.28 14.41 -0.70
N ALA B 68 -38.07 13.10 -0.71
CA ALA B 68 -36.77 12.51 -1.00
C ALA B 68 -36.15 13.03 -2.30
N TRP B 69 -36.94 12.99 -3.38
CA TRP B 69 -36.47 13.44 -4.68
C TRP B 69 -36.24 14.94 -4.79
N ALA B 70 -36.95 15.72 -3.97
CA ALA B 70 -36.74 17.15 -3.97
C ALA B 70 -35.33 17.36 -3.38
N PHE B 71 -35.03 16.61 -2.32
CA PHE B 71 -33.72 16.69 -1.68
C PHE B 71 -32.61 16.22 -2.62
N LEU B 72 -32.82 15.08 -3.28
CA LEU B 72 -31.83 14.52 -4.19
C LEU B 72 -31.54 15.35 -5.44
N THR B 73 -32.36 16.35 -5.69
CA THR B 73 -32.20 17.22 -6.86
C THR B 73 -32.02 18.68 -6.46
N ARG B 74 -31.84 18.93 -5.16
CA ARG B 74 -31.67 20.29 -4.65
C ARG B 74 -30.44 20.99 -5.21
N GLY B 75 -29.53 20.21 -5.80
CA GLY B 75 -28.31 20.75 -6.38
C GLY B 75 -28.53 21.72 -7.51
N TYR B 76 -29.64 21.57 -8.24
CA TYR B 76 -29.96 22.47 -9.35
C TYR B 76 -30.36 23.86 -8.86
N ARG B 77 -31.00 23.92 -7.69
CA ARG B 77 -31.47 25.19 -7.14
C ARG B 77 -30.45 25.97 -6.31
N GLN B 78 -29.28 25.38 -6.09
CA GLN B 78 -28.25 26.05 -5.31
C GLN B 78 -27.39 27.00 -6.15
N ARG B 79 -26.83 28.01 -5.51
CA ARG B 79 -25.97 28.99 -6.16
C ARG B 79 -24.57 28.87 -5.57
N LEU B 80 -23.57 28.79 -6.45
CA LEU B 80 -22.18 28.64 -6.02
C LEU B 80 -21.72 29.68 -5.00
N GLU B 81 -22.05 30.95 -5.23
CA GLU B 81 -21.64 32.01 -4.29
C GLU B 81 -22.33 31.91 -2.94
N GLU B 82 -23.54 31.35 -2.90
CA GLU B 82 -24.25 31.19 -1.63
C GLU B 82 -23.68 29.98 -0.89
N VAL B 83 -23.27 28.98 -1.67
CA VAL B 83 -22.69 27.76 -1.12
C VAL B 83 -21.34 28.06 -0.46
N VAL B 84 -20.55 28.93 -1.10
CA VAL B 84 -19.23 29.31 -0.58
C VAL B 84 -19.40 30.24 0.64
N GLY B 85 -20.41 31.10 0.57
CA GLY B 85 -20.72 32.02 1.65
C GLY B 85 -19.59 32.88 2.20
N GLY B 86 -18.71 33.37 1.34
CA GLY B 86 -17.62 34.20 1.82
C GLY B 86 -16.58 33.54 2.72
N ALA B 87 -16.61 32.22 2.85
CA ALA B 87 -15.62 31.54 3.67
C ALA B 87 -14.36 31.31 2.84
N VAL B 88 -13.88 32.41 2.24
CA VAL B 88 -12.68 32.42 1.42
C VAL B 88 -11.65 33.25 2.20
N PHE B 89 -10.49 32.67 2.47
CA PHE B 89 -9.46 33.33 3.25
C PHE B 89 -8.11 33.46 2.53
N PRO B 90 -7.20 34.29 3.05
CA PRO B 90 -5.89 34.48 2.43
C PRO B 90 -5.04 33.23 2.59
N ALA B 91 -4.30 32.88 1.55
CA ALA B 91 -3.43 31.71 1.58
C ALA B 91 -2.36 31.90 2.64
N GLU B 92 -2.00 30.82 3.33
CA GLU B 92 -0.99 30.84 4.38
C GLU B 92 0.34 30.39 3.81
N GLY B 93 0.26 29.55 2.80
CA GLY B 93 1.46 29.03 2.15
C GLY B 93 1.24 28.83 0.67
N SER B 94 2.24 28.26 0.02
CA SER B 94 2.19 28.01 -1.41
C SER B 94 1.92 26.54 -1.71
N GLU B 95 2.06 25.69 -0.70
CA GLU B 95 1.85 24.26 -0.88
C GLU B 95 0.42 23.81 -1.15
N MET B 96 0.35 22.64 -1.76
CA MET B 96 -0.90 21.99 -2.12
C MET B 96 -1.74 21.64 -0.90
N VAL B 97 -3.06 21.80 -1.02
CA VAL B 97 -3.98 21.44 0.05
C VAL B 97 -4.78 20.28 -0.53
N VAL B 98 -4.84 19.16 0.19
CA VAL B 98 -5.58 18.01 -0.30
C VAL B 98 -6.68 17.58 0.66
N VAL B 99 -7.92 17.77 0.23
CA VAL B 99 -9.07 17.38 1.03
C VAL B 99 -9.57 16.07 0.45
N LYS B 100 -9.30 14.96 1.13
CA LYS B 100 -9.72 13.66 0.63
C LYS B 100 -10.85 12.96 1.39
N GLY B 101 -11.43 11.96 0.74
CA GLY B 101 -12.48 11.16 1.34
C GLY B 101 -13.83 11.83 1.56
N VAL B 102 -14.15 12.85 0.75
CA VAL B 102 -15.43 13.51 0.89
C VAL B 102 -16.47 12.59 0.25
N GLU B 103 -17.29 11.94 1.09
CA GLU B 103 -18.33 11.04 0.59
C GLU B 103 -19.32 11.82 -0.25
N PHE B 104 -19.90 11.12 -1.22
CA PHE B 104 -20.89 11.72 -2.08
C PHE B 104 -21.89 10.65 -2.44
N TYR B 105 -23.09 11.10 -2.79
CA TYR B 105 -24.17 10.23 -3.21
C TYR B 105 -24.80 10.97 -4.38
N SER B 106 -25.11 10.25 -5.44
CA SER B 106 -25.70 10.85 -6.62
C SER B 106 -26.61 9.84 -7.32
N MET B 107 -27.26 10.29 -8.39
CA MET B 107 -28.17 9.48 -9.20
C MET B 107 -27.71 9.54 -10.64
N CYS B 108 -27.54 8.39 -11.25
CA CYS B 108 -27.10 8.35 -12.64
C CYS B 108 -28.27 8.73 -13.53
N GLU B 109 -28.02 9.64 -14.46
CA GLU B 109 -29.05 10.11 -15.36
C GLU B 109 -29.52 9.02 -16.31
N HIS B 110 -28.73 7.96 -16.45
CA HIS B 110 -29.05 6.85 -17.33
C HIS B 110 -30.12 5.88 -16.84
N HIS B 111 -30.11 5.55 -15.56
CA HIS B 111 -31.07 4.60 -15.01
C HIS B 111 -31.79 5.10 -13.77
N LEU B 112 -31.42 6.29 -13.31
CA LEU B 112 -32.01 6.87 -12.10
C LEU B 112 -31.77 6.00 -10.87
N LEU B 113 -30.63 5.31 -10.86
CA LEU B 113 -30.23 4.47 -9.73
C LEU B 113 -29.01 5.15 -9.12
N PRO B 114 -28.89 5.10 -7.78
CA PRO B 114 -27.76 5.73 -7.09
C PRO B 114 -26.36 5.20 -7.40
N PHE B 115 -25.40 6.12 -7.40
CA PHE B 115 -24.00 5.76 -7.55
C PHE B 115 -23.32 6.58 -6.46
N PHE B 116 -22.35 5.98 -5.76
CA PHE B 116 -21.71 6.70 -4.67
C PHE B 116 -20.29 6.28 -4.39
N GLY B 117 -19.62 7.09 -3.58
CA GLY B 117 -18.25 6.81 -3.22
C GLY B 117 -17.61 8.02 -2.57
N LYS B 118 -16.46 8.42 -3.10
CA LYS B 118 -15.72 9.54 -2.55
C LYS B 118 -15.13 10.48 -3.58
N VAL B 119 -14.92 11.73 -3.15
CA VAL B 119 -14.33 12.76 -3.99
C VAL B 119 -13.09 13.26 -3.25
N HIS B 120 -11.97 13.34 -3.98
CA HIS B 120 -10.70 13.79 -3.43
C HIS B 120 -10.33 15.07 -4.16
N ILE B 121 -10.08 16.12 -3.39
CA ILE B 121 -9.74 17.41 -3.95
C ILE B 121 -8.34 17.91 -3.58
N GLY B 122 -7.65 18.41 -4.59
CA GLY B 122 -6.31 18.94 -4.37
C GLY B 122 -6.18 20.26 -5.11
N TYR B 123 -5.53 21.23 -4.49
CA TYR B 123 -5.32 22.51 -5.15
C TYR B 123 -4.13 23.29 -4.59
N ILE B 124 -3.52 24.10 -5.43
CA ILE B 124 -2.39 24.95 -5.07
C ILE B 124 -2.93 26.38 -5.15
N PRO B 125 -3.01 27.06 -4.01
CA PRO B 125 -3.51 28.44 -3.88
C PRO B 125 -2.73 29.50 -4.64
N ASP B 126 -3.42 30.61 -4.87
CA ASP B 126 -2.86 31.80 -5.52
C ASP B 126 -3.54 32.95 -4.81
N GLY B 127 -3.14 33.18 -3.57
CA GLY B 127 -3.72 34.25 -2.78
C GLY B 127 -4.84 33.80 -1.87
N LYS B 128 -5.65 32.84 -2.28
CA LYS B 128 -6.76 32.42 -1.44
C LYS B 128 -7.08 30.94 -1.29
N ILE B 129 -7.46 30.59 -0.07
CA ILE B 129 -7.83 29.23 0.29
C ILE B 129 -9.29 29.23 0.72
N LEU B 130 -9.91 28.06 0.65
CA LEU B 130 -11.32 27.90 0.99
C LEU B 130 -11.53 27.17 2.30
N GLY B 131 -12.62 27.51 3.00
CA GLY B 131 -12.95 26.85 4.24
C GLY B 131 -13.18 25.39 3.85
N LEU B 132 -12.52 24.47 4.53
CA LEU B 132 -12.61 23.05 4.22
C LEU B 132 -14.01 22.48 3.95
N SER B 133 -14.97 22.79 4.82
CA SER B 133 -16.33 22.29 4.68
C SER B 133 -17.05 22.76 3.40
N LYS B 134 -16.55 23.83 2.80
CA LYS B 134 -17.16 24.34 1.58
C LYS B 134 -16.92 23.40 0.41
N PHE B 135 -15.82 22.65 0.47
CA PHE B 135 -15.52 21.67 -0.57
C PHE B 135 -16.61 20.61 -0.57
N ALA B 136 -17.01 20.20 0.63
CA ALA B 136 -18.08 19.22 0.83
C ALA B 136 -19.40 19.76 0.30
N ARG B 137 -19.65 21.04 0.55
CA ARG B 137 -20.87 21.70 0.09
C ARG B 137 -20.86 21.83 -1.43
N ILE B 138 -19.68 22.09 -2.02
CA ILE B 138 -19.58 22.16 -3.47
C ILE B 138 -19.85 20.75 -4.01
N VAL B 139 -19.23 19.74 -3.40
CA VAL B 139 -19.44 18.34 -3.82
C VAL B 139 -20.93 17.99 -3.84
N ASP B 140 -21.64 18.29 -2.74
CA ASP B 140 -23.07 18.00 -2.63
C ASP B 140 -23.91 18.75 -3.68
N MET B 141 -23.51 19.98 -3.97
CA MET B 141 -24.22 20.81 -4.94
C MET B 141 -24.33 20.15 -6.33
N PHE B 142 -23.26 19.47 -6.75
CA PHE B 142 -23.24 18.82 -8.04
C PHE B 142 -23.62 17.34 -8.00
N ALA B 143 -23.50 16.75 -6.83
CA ALA B 143 -23.84 15.34 -6.64
C ALA B 143 -25.35 15.12 -6.55
N ARG B 144 -26.06 16.08 -5.94
CA ARG B 144 -27.50 15.96 -5.80
C ARG B 144 -28.21 16.48 -7.02
N ARG B 145 -27.95 15.78 -8.11
CA ARG B 145 -28.48 16.06 -9.43
C ARG B 145 -28.39 14.70 -10.12
N LEU B 146 -28.91 14.62 -11.35
CA LEU B 146 -28.82 13.41 -12.15
C LEU B 146 -27.47 13.62 -12.83
N GLN B 147 -26.59 12.62 -12.74
CA GLN B 147 -25.25 12.77 -13.28
C GLN B 147 -24.61 11.53 -13.90
N VAL B 148 -23.44 11.77 -14.46
CA VAL B 148 -22.55 10.75 -15.00
C VAL B 148 -21.29 11.14 -14.20
N GLN B 149 -20.57 10.14 -13.69
CA GLN B 149 -19.40 10.42 -12.86
C GLN B 149 -18.34 11.29 -13.53
N GLU B 150 -18.24 11.20 -14.85
CA GLU B 150 -17.27 11.98 -15.61
C GLU B 150 -17.53 13.48 -15.49
N ARG B 151 -18.81 13.87 -15.55
CA ARG B 151 -19.23 15.26 -15.44
C ARG B 151 -19.09 15.81 -14.02
N LEU B 152 -19.34 14.94 -13.04
CA LEU B 152 -19.26 15.33 -11.63
C LEU B 152 -17.85 15.81 -11.29
N ALA B 153 -16.85 15.09 -11.76
CA ALA B 153 -15.47 15.45 -11.49
C ALA B 153 -15.14 16.81 -12.13
N VAL B 154 -15.61 17.00 -13.36
CA VAL B 154 -15.34 18.25 -14.07
C VAL B 154 -15.97 19.48 -13.42
N GLN B 155 -17.26 19.39 -13.10
CA GLN B 155 -18.00 20.47 -12.49
C GLN B 155 -17.51 20.88 -11.10
N ILE B 156 -17.09 19.90 -10.28
CA ILE B 156 -16.56 20.23 -8.95
C ILE B 156 -15.25 21.00 -9.14
N ALA B 157 -14.38 20.49 -10.02
CA ALA B 157 -13.12 21.16 -10.30
C ALA B 157 -13.30 22.57 -10.85
N GLU B 158 -14.23 22.74 -11.79
CA GLU B 158 -14.49 24.05 -12.37
C GLU B 158 -15.05 25.04 -11.35
N ALA B 159 -15.90 24.53 -10.46
CA ALA B 159 -16.50 25.35 -9.43
C ALA B 159 -15.41 25.89 -8.50
N ILE B 160 -14.49 25.03 -8.11
CA ILE B 160 -13.39 25.41 -7.23
C ILE B 160 -12.47 26.40 -7.96
N GLN B 161 -12.29 26.17 -9.26
CA GLN B 161 -11.46 27.03 -10.10
C GLN B 161 -12.05 28.45 -10.13
N GLU B 162 -13.38 28.53 -10.24
CA GLU B 162 -14.05 29.81 -10.28
C GLU B 162 -14.01 30.55 -8.93
N VAL B 163 -14.23 29.82 -7.86
CA VAL B 163 -14.25 30.38 -6.51
C VAL B 163 -12.89 30.87 -5.98
N LEU B 164 -11.82 30.17 -6.32
CA LEU B 164 -10.50 30.51 -5.82
C LEU B 164 -9.46 31.00 -6.83
N GLU B 165 -9.69 30.74 -8.11
CA GLU B 165 -8.75 31.11 -9.17
C GLU B 165 -7.35 30.69 -8.72
N PRO B 166 -7.19 29.40 -8.36
CA PRO B 166 -5.92 28.86 -7.90
C PRO B 166 -4.93 28.69 -9.04
N GLN B 167 -3.71 28.31 -8.69
CA GLN B 167 -2.69 28.04 -9.70
C GLN B 167 -3.12 26.76 -10.42
N GLY B 168 -4.00 26.00 -9.76
CA GLY B 168 -4.51 24.75 -10.32
C GLY B 168 -5.40 23.98 -9.35
N VAL B 169 -6.19 23.06 -9.88
CA VAL B 169 -7.10 22.23 -9.07
C VAL B 169 -7.17 20.83 -9.67
N GLY B 170 -7.24 19.82 -8.81
CA GLY B 170 -7.35 18.44 -9.25
C GLY B 170 -8.51 17.79 -8.51
N VAL B 171 -9.33 17.00 -9.20
CA VAL B 171 -10.46 16.31 -8.58
C VAL B 171 -10.51 14.85 -9.02
N VAL B 172 -10.64 13.95 -8.04
CA VAL B 172 -10.74 12.54 -8.31
C VAL B 172 -12.03 12.00 -7.67
N VAL B 173 -12.87 11.37 -8.49
CA VAL B 173 -14.11 10.78 -7.98
C VAL B 173 -14.02 9.27 -8.15
N GLU B 174 -14.29 8.55 -7.05
CA GLU B 174 -14.28 7.10 -7.11
C GLU B 174 -15.63 6.62 -6.61
N GLY B 175 -16.32 5.84 -7.43
CA GLY B 175 -17.62 5.38 -7.00
C GLY B 175 -18.07 4.01 -7.46
N VAL B 176 -19.07 3.50 -6.74
CA VAL B 176 -19.68 2.22 -7.07
C VAL B 176 -21.03 2.60 -7.69
N HIS B 177 -21.42 1.87 -8.73
CA HIS B 177 -22.66 2.15 -9.43
C HIS B 177 -23.67 1.02 -9.31
N LEU B 178 -24.79 1.31 -8.67
CA LEU B 178 -25.84 0.31 -8.46
C LEU B 178 -26.48 -0.16 -9.76
N CYS B 179 -26.57 0.72 -10.75
CA CYS B 179 -27.14 0.36 -12.04
C CYS B 179 -26.30 -0.75 -12.66
N MET B 180 -25.11 -0.96 -12.10
CA MET B 180 -24.17 -1.97 -12.56
C MET B 180 -24.10 -3.20 -11.66
N MET B 181 -24.60 -3.10 -10.43
CA MET B 181 -24.55 -4.24 -9.52
C MET B 181 -25.89 -4.87 -9.12
N MET B 182 -26.95 -4.09 -9.04
CA MET B 182 -28.25 -4.64 -8.67
C MET B 182 -29.16 -4.87 -9.88
N ARG B 183 -28.58 -4.66 -11.07
CA ARG B 183 -29.32 -4.78 -12.32
C ARG B 183 -28.33 -5.05 -13.45
N GLY B 184 -28.84 -5.40 -14.63
CA GLY B 184 -28.00 -5.64 -15.79
C GLY B 184 -26.90 -6.69 -15.65
N VAL B 185 -25.67 -6.26 -15.88
CA VAL B 185 -24.51 -7.15 -15.77
C VAL B 185 -24.34 -7.73 -14.37
N GLU B 186 -24.80 -6.98 -13.37
CA GLU B 186 -24.72 -7.40 -11.98
C GLU B 186 -23.31 -7.70 -11.42
N LYS B 187 -22.31 -6.97 -11.89
CA LYS B 187 -20.93 -7.14 -11.39
C LYS B 187 -20.88 -6.62 -9.95
N GLN B 188 -20.08 -7.23 -9.10
CA GLN B 188 -20.00 -6.84 -7.69
C GLN B 188 -18.71 -6.18 -7.18
N HIS B 189 -17.60 -6.43 -7.86
CA HIS B 189 -16.31 -5.88 -7.42
C HIS B 189 -15.83 -4.59 -8.06
N SER B 190 -16.57 -4.09 -9.04
CA SER B 190 -16.19 -2.90 -9.78
C SER B 190 -16.36 -1.54 -9.12
N ARG B 191 -15.43 -0.64 -9.44
CA ARG B 191 -15.41 0.74 -8.95
C ARG B 191 -14.87 1.59 -10.10
N THR B 192 -15.42 2.80 -10.25
CA THR B 192 -15.00 3.67 -11.34
C THR B 192 -14.34 4.96 -10.88
N VAL B 193 -13.21 5.27 -11.48
CA VAL B 193 -12.48 6.48 -11.17
C VAL B 193 -12.50 7.45 -12.34
N THR B 194 -12.94 8.67 -12.06
CA THR B 194 -12.96 9.74 -13.06
C THR B 194 -12.18 10.88 -12.39
N SER B 195 -11.71 11.82 -13.19
CA SER B 195 -10.95 12.94 -12.66
C SER B 195 -10.97 14.13 -13.59
N ALA B 196 -10.63 15.29 -13.05
CA ALA B 196 -10.55 16.53 -13.81
C ALA B 196 -9.35 17.29 -13.25
N MET B 197 -8.47 17.74 -14.15
CA MET B 197 -7.26 18.48 -13.76
C MET B 197 -7.19 19.84 -14.45
N LEU B 198 -7.09 20.91 -13.66
CA LEU B 198 -7.02 22.27 -14.18
C LEU B 198 -5.72 22.97 -13.76
N GLY B 199 -5.28 23.93 -14.57
CA GLY B 199 -4.07 24.69 -14.28
C GLY B 199 -2.83 23.83 -14.10
N VAL B 200 -2.08 24.06 -13.02
CA VAL B 200 -0.86 23.29 -12.76
C VAL B 200 -1.07 21.78 -12.58
N PHE B 201 -2.27 21.37 -12.21
CA PHE B 201 -2.55 19.94 -12.02
C PHE B 201 -2.65 19.27 -13.39
N ARG B 202 -2.81 20.09 -14.42
CA ARG B 202 -2.89 19.62 -15.79
C ARG B 202 -1.55 19.86 -16.50
N GLU B 203 -0.99 21.05 -16.29
CA GLU B 203 0.26 21.45 -16.93
C GLU B 203 1.57 20.95 -16.32
N ASN B 204 1.55 20.69 -15.02
CA ASN B 204 2.75 20.21 -14.33
C ASN B 204 2.58 18.74 -13.93
N GLN B 205 3.30 17.88 -14.64
CA GLN B 205 3.28 16.45 -14.41
C GLN B 205 3.61 16.08 -12.96
N LYS B 206 4.60 16.76 -12.39
CA LYS B 206 5.01 16.50 -11.02
C LYS B 206 3.97 16.87 -9.97
N THR B 207 3.26 17.99 -10.18
CA THR B 207 2.25 18.38 -9.21
C THR B 207 1.10 17.38 -9.23
N ARG B 208 0.72 16.95 -10.44
CA ARG B 208 -0.36 15.98 -10.60
C ARG B 208 -0.02 14.66 -9.92
N GLU B 209 1.18 14.16 -10.16
CA GLU B 209 1.64 12.89 -9.56
C GLU B 209 1.66 12.97 -8.03
N GLU B 210 2.06 14.13 -7.51
CA GLU B 210 2.13 14.35 -6.08
C GLU B 210 0.72 14.29 -5.47
N PHE B 211 -0.26 14.86 -6.17
CA PHE B 211 -1.65 14.86 -5.73
C PHE B 211 -2.15 13.42 -5.71
N LEU B 212 -1.93 12.71 -6.81
CA LEU B 212 -2.33 11.31 -6.92
C LEU B 212 -1.65 10.44 -5.88
N SER B 213 -0.36 10.67 -5.63
CA SER B 213 0.38 9.88 -4.64
C SER B 213 -0.24 10.04 -3.25
N HIS B 214 -0.67 11.26 -2.93
CA HIS B 214 -1.31 11.53 -1.64
C HIS B 214 -2.58 10.68 -1.45
N LEU B 215 -3.24 10.34 -2.56
CA LEU B 215 -4.47 9.55 -2.50
C LEU B 215 -4.23 8.07 -2.26
N ARG B 216 -2.98 7.63 -2.42
CA ARG B 216 -2.65 6.23 -2.20
C ARG B 216 -2.23 6.01 -0.75
N GLU C 32 -27.52 -22.22 -30.71
CA GLU C 32 -27.34 -23.12 -31.89
C GLU C 32 -26.56 -24.39 -31.53
N VAL C 33 -25.89 -24.37 -30.38
CA VAL C 33 -25.11 -25.51 -29.90
C VAL C 33 -26.00 -26.72 -29.68
N ASP C 34 -25.55 -27.88 -30.16
CA ASP C 34 -26.31 -29.11 -30.02
C ASP C 34 -26.29 -29.64 -28.58
N LEU C 35 -27.32 -29.27 -27.82
CA LEU C 35 -27.46 -29.67 -26.43
C LEU C 35 -27.58 -31.19 -26.25
N GLU C 36 -28.30 -31.83 -27.16
CA GLU C 36 -28.51 -33.28 -27.12
C GLU C 36 -27.21 -34.05 -27.28
N ARG C 37 -26.36 -33.58 -28.20
CA ARG C 37 -25.07 -34.20 -28.45
C ARG C 37 -24.16 -34.05 -27.22
N LEU C 38 -24.26 -32.90 -26.56
CA LEU C 38 -23.46 -32.64 -25.37
C LEU C 38 -23.89 -33.54 -24.22
N GLN C 39 -25.20 -33.74 -24.08
CA GLN C 39 -25.72 -34.60 -23.02
C GLN C 39 -25.17 -36.02 -23.21
N ALA C 40 -25.16 -36.47 -24.46
CA ALA C 40 -24.66 -37.79 -24.81
C ALA C 40 -23.18 -37.92 -24.44
N LEU C 41 -22.38 -36.97 -24.90
CA LEU C 41 -20.94 -36.96 -24.63
C LEU C 41 -20.67 -36.91 -23.13
N ALA C 42 -21.46 -36.11 -22.42
CA ALA C 42 -21.31 -35.96 -20.97
C ALA C 42 -21.69 -37.25 -20.25
N ALA C 43 -22.70 -37.95 -20.75
CA ALA C 43 -23.14 -39.21 -20.16
C ALA C 43 -22.04 -40.27 -20.29
N GLU C 44 -21.40 -40.30 -21.45
CA GLU C 44 -20.33 -41.26 -21.70
C GLU C 44 -19.10 -40.87 -20.87
N TRP C 45 -18.93 -39.57 -20.65
CA TRP C 45 -17.80 -39.06 -19.86
C TRP C 45 -17.87 -39.62 -18.45
N LEU C 46 -19.08 -39.59 -17.88
CA LEU C 46 -19.32 -40.09 -16.53
C LEU C 46 -18.98 -41.57 -16.38
N GLN C 47 -19.28 -42.36 -17.41
CA GLN C 47 -19.00 -43.79 -17.37
C GLN C 47 -17.50 -44.10 -17.43
N VAL C 48 -16.81 -43.50 -18.41
CA VAL C 48 -15.37 -43.71 -18.62
C VAL C 48 -14.49 -43.47 -17.40
N ILE C 49 -14.85 -42.49 -16.57
CA ILE C 49 -14.07 -42.19 -15.36
C ILE C 49 -14.38 -43.12 -14.20
N GLY C 50 -15.34 -44.03 -14.41
CA GLY C 50 -15.72 -44.98 -13.38
C GLY C 50 -16.77 -44.46 -12.42
N GLU C 51 -17.90 -44.02 -12.96
CA GLU C 51 -18.98 -43.48 -12.16
C GLU C 51 -20.33 -43.99 -12.72
N ASP C 52 -21.34 -44.03 -11.86
CA ASP C 52 -22.67 -44.50 -12.25
C ASP C 52 -23.59 -43.38 -12.74
N PRO C 53 -23.85 -43.33 -14.07
CA PRO C 53 -24.71 -42.31 -14.68
C PRO C 53 -26.17 -42.45 -14.26
N GLY C 54 -26.52 -43.61 -13.72
CA GLY C 54 -27.88 -43.86 -13.27
C GLY C 54 -28.10 -43.45 -11.83
N ARG C 55 -27.01 -43.04 -11.16
CA ARG C 55 -27.04 -42.62 -9.78
C ARG C 55 -27.98 -41.42 -9.62
N GLU C 56 -28.68 -41.39 -8.48
CA GLU C 56 -29.65 -40.32 -8.16
C GLU C 56 -29.14 -38.89 -8.41
N GLY C 57 -27.95 -38.58 -7.90
CA GLY C 57 -27.41 -37.25 -8.08
C GLY C 57 -26.64 -36.98 -9.36
N LEU C 58 -26.84 -37.81 -10.38
CA LEU C 58 -26.15 -37.65 -11.66
C LEU C 58 -27.06 -37.77 -12.86
N LEU C 59 -28.32 -38.19 -12.63
CA LEU C 59 -29.28 -38.36 -13.72
C LEU C 59 -29.46 -37.10 -14.57
N LYS C 60 -29.58 -35.95 -13.93
CA LYS C 60 -29.75 -34.69 -14.65
C LYS C 60 -28.44 -33.96 -14.92
N THR C 61 -27.31 -34.60 -14.60
CA THR C 61 -26.00 -33.98 -14.80
C THR C 61 -25.64 -33.69 -16.25
N PRO C 62 -25.76 -34.69 -17.15
CA PRO C 62 -25.43 -34.45 -18.56
C PRO C 62 -26.22 -33.29 -19.13
N GLU C 63 -27.48 -33.16 -18.70
CA GLU C 63 -28.35 -32.08 -19.13
C GLU C 63 -27.85 -30.75 -18.59
N ARG C 64 -27.51 -30.74 -17.29
CA ARG C 64 -27.02 -29.53 -16.63
C ARG C 64 -25.65 -29.08 -17.17
N VAL C 65 -24.80 -30.04 -17.50
CA VAL C 65 -23.48 -29.73 -18.05
C VAL C 65 -23.61 -29.15 -19.45
N ALA C 66 -24.58 -29.67 -20.21
CA ALA C 66 -24.82 -29.20 -21.58
C ALA C 66 -25.18 -27.72 -21.59
N LYS C 67 -26.20 -27.36 -20.80
CA LYS C 67 -26.66 -25.98 -20.68
C LYS C 67 -25.54 -25.10 -20.17
N ALA C 68 -24.75 -25.64 -19.23
CA ALA C 68 -23.63 -24.91 -18.64
C ALA C 68 -22.62 -24.49 -19.70
N TRP C 69 -22.11 -25.46 -20.46
CA TRP C 69 -21.13 -25.18 -21.51
C TRP C 69 -21.62 -24.31 -22.65
N ALA C 70 -22.94 -24.26 -22.84
CA ALA C 70 -23.53 -23.43 -23.87
C ALA C 70 -23.40 -21.98 -23.38
N PHE C 71 -23.60 -21.78 -22.09
CA PHE C 71 -23.49 -20.46 -21.47
C PHE C 71 -22.02 -20.03 -21.41
N LEU C 72 -21.16 -20.95 -21.00
CA LEU C 72 -19.74 -20.66 -20.88
C LEU C 72 -19.00 -20.38 -22.20
N THR C 73 -19.66 -20.64 -23.32
CA THR C 73 -19.06 -20.40 -24.63
C THR C 73 -19.91 -19.47 -25.50
N ARG C 74 -20.94 -18.89 -24.90
CA ARG C 74 -21.84 -17.97 -25.61
C ARG C 74 -21.12 -16.75 -26.18
N GLY C 75 -19.93 -16.44 -25.64
CA GLY C 75 -19.17 -15.30 -26.11
C GLY C 75 -18.83 -15.34 -27.59
N TYR C 76 -18.70 -16.57 -28.11
CA TYR C 76 -18.40 -16.78 -29.52
C TYR C 76 -19.60 -16.35 -30.37
N ARG C 77 -20.79 -16.55 -29.82
CA ARG C 77 -22.03 -16.21 -30.51
C ARG C 77 -22.57 -14.81 -30.25
N GLN C 78 -21.70 -13.89 -29.84
CA GLN C 78 -22.14 -12.51 -29.58
C GLN C 78 -21.52 -11.52 -30.55
N ARG C 79 -22.24 -10.43 -30.79
CA ARG C 79 -21.77 -9.38 -31.69
C ARG C 79 -21.46 -8.15 -30.86
N LEU C 80 -20.28 -7.58 -31.07
CA LEU C 80 -19.83 -6.40 -30.35
C LEU C 80 -20.81 -5.24 -30.49
N GLU C 81 -21.44 -5.13 -31.66
CA GLU C 81 -22.41 -4.08 -31.95
C GLU C 81 -23.65 -4.16 -31.06
N GLU C 82 -24.13 -5.37 -30.82
CA GLU C 82 -25.32 -5.59 -29.99
C GLU C 82 -25.00 -5.50 -28.50
N VAL C 83 -23.80 -5.97 -28.13
CA VAL C 83 -23.34 -5.96 -26.74
C VAL C 83 -23.26 -4.54 -26.20
N VAL C 84 -22.71 -3.62 -27.00
CA VAL C 84 -22.58 -2.23 -26.62
C VAL C 84 -23.93 -1.51 -26.68
N GLY C 85 -24.83 -2.02 -27.52
CA GLY C 85 -26.13 -1.40 -27.66
C GLY C 85 -25.98 0.02 -28.15
N GLY C 86 -26.77 0.94 -27.59
CA GLY C 86 -26.69 2.33 -27.99
C GLY C 86 -26.17 3.22 -26.88
N ALA C 87 -25.51 2.60 -25.89
CA ALA C 87 -24.98 3.36 -24.76
C ALA C 87 -23.58 3.94 -24.98
N VAL C 88 -23.49 4.85 -25.96
CA VAL C 88 -22.26 5.54 -26.29
C VAL C 88 -22.66 7.01 -26.30
N PHE C 89 -22.13 7.77 -25.35
CA PHE C 89 -22.46 9.19 -25.19
C PHE C 89 -21.26 10.11 -25.38
N PRO C 90 -21.51 11.44 -25.48
CA PRO C 90 -20.42 12.40 -25.66
C PRO C 90 -19.57 12.50 -24.39
N ALA C 91 -18.29 12.77 -24.57
CA ALA C 91 -17.36 12.89 -23.45
C ALA C 91 -17.58 14.18 -22.66
N GLU C 92 -17.53 14.07 -21.33
CA GLU C 92 -17.71 15.23 -20.45
C GLU C 92 -16.39 15.96 -20.23
N GLY C 93 -15.29 15.24 -20.48
CA GLY C 93 -13.97 15.80 -20.32
C GLY C 93 -12.93 14.98 -21.07
N SER C 94 -11.67 15.39 -20.96
CA SER C 94 -10.59 14.71 -21.65
C SER C 94 -9.74 13.84 -20.72
N GLU C 95 -10.13 13.78 -19.45
CA GLU C 95 -9.38 12.98 -18.47
C GLU C 95 -9.67 11.49 -18.54
N MET C 96 -8.70 10.70 -18.07
CA MET C 96 -8.78 9.25 -18.06
C MET C 96 -9.95 8.69 -17.26
N VAL C 97 -10.56 7.64 -17.78
CA VAL C 97 -11.66 6.97 -17.10
C VAL C 97 -11.13 5.59 -16.76
N VAL C 98 -11.22 5.21 -15.48
CA VAL C 98 -10.74 3.92 -15.04
C VAL C 98 -11.85 3.06 -14.40
N VAL C 99 -12.18 1.95 -15.07
CA VAL C 99 -13.19 1.03 -14.57
C VAL C 99 -12.44 -0.20 -14.05
N LYS C 100 -12.29 -0.26 -12.73
CA LYS C 100 -11.56 -1.37 -12.14
C LYS C 100 -12.38 -2.41 -11.40
N GLY C 101 -11.75 -3.56 -11.20
CA GLY C 101 -12.40 -4.64 -10.47
C GLY C 101 -13.55 -5.34 -11.17
N VAL C 102 -13.57 -5.35 -12.50
CA VAL C 102 -14.64 -6.05 -13.21
C VAL C 102 -14.26 -7.53 -13.15
N GLU C 103 -14.95 -8.28 -12.30
CA GLU C 103 -14.66 -9.69 -12.17
C GLU C 103 -14.99 -10.45 -13.44
N PHE C 104 -14.23 -11.50 -13.72
CA PHE C 104 -14.46 -12.30 -14.90
C PHE C 104 -14.18 -13.76 -14.59
N TYR C 105 -14.72 -14.63 -15.42
CA TYR C 105 -14.55 -16.08 -15.33
C TYR C 105 -14.37 -16.56 -16.76
N SER C 106 -13.39 -17.42 -16.98
CA SER C 106 -13.12 -17.94 -18.30
C SER C 106 -12.69 -19.40 -18.20
N MET C 107 -12.35 -20.00 -19.34
CA MET C 107 -11.92 -21.39 -19.38
C MET C 107 -10.64 -21.46 -20.21
N CYS C 108 -9.57 -22.01 -19.63
CA CYS C 108 -8.32 -22.10 -20.36
C CYS C 108 -8.41 -23.17 -21.45
N GLU C 109 -8.07 -22.79 -22.67
CA GLU C 109 -8.14 -23.71 -23.81
C GLU C 109 -7.24 -24.94 -23.72
N HIS C 110 -6.16 -24.84 -22.94
CA HIS C 110 -5.23 -25.94 -22.80
C HIS C 110 -5.74 -27.11 -21.95
N HIS C 111 -6.44 -26.81 -20.84
CA HIS C 111 -6.93 -27.87 -19.96
C HIS C 111 -8.44 -27.87 -19.73
N LEU C 112 -9.14 -26.88 -20.29
CA LEU C 112 -10.58 -26.76 -20.11
C LEU C 112 -10.96 -26.63 -18.63
N LEU C 113 -10.10 -25.95 -17.88
CA LEU C 113 -10.33 -25.72 -16.45
C LEU C 113 -10.47 -24.21 -16.27
N PRO C 114 -11.34 -23.79 -15.35
CA PRO C 114 -11.55 -22.36 -15.11
C PRO C 114 -10.36 -21.55 -14.62
N PHE C 115 -10.33 -20.29 -15.02
CA PHE C 115 -9.35 -19.33 -14.55
C PHE C 115 -10.20 -18.08 -14.39
N PHE C 116 -9.94 -17.31 -13.33
CA PHE C 116 -10.76 -16.14 -13.07
C PHE C 116 -10.04 -15.08 -12.25
N GLY C 117 -10.65 -13.91 -12.17
CA GLY C 117 -10.07 -12.82 -11.42
C GLY C 117 -10.77 -11.52 -11.74
N LYS C 118 -9.99 -10.49 -12.06
CA LYS C 118 -10.54 -9.19 -12.37
C LYS C 118 -9.90 -8.54 -13.59
N VAL C 119 -10.66 -7.65 -14.23
CA VAL C 119 -10.21 -6.90 -15.39
C VAL C 119 -10.31 -5.40 -15.06
N HIS C 120 -9.22 -4.67 -15.27
CA HIS C 120 -9.19 -3.25 -15.01
C HIS C 120 -9.03 -2.56 -16.35
N ILE C 121 -9.90 -1.61 -16.63
CA ILE C 121 -9.87 -0.88 -17.88
C ILE C 121 -9.67 0.61 -17.69
N GLY C 122 -8.77 1.19 -18.50
CA GLY C 122 -8.51 2.60 -18.44
C GLY C 122 -8.51 3.17 -19.84
N TYR C 123 -9.06 4.37 -20.02
CA TYR C 123 -9.06 4.99 -21.33
C TYR C 123 -9.25 6.50 -21.30
N ILE C 124 -8.73 7.13 -22.35
CA ILE C 124 -8.83 8.58 -22.53
C ILE C 124 -9.72 8.74 -23.77
N PRO C 125 -10.93 9.26 -23.58
CA PRO C 125 -11.88 9.46 -24.68
C PRO C 125 -11.53 10.53 -25.70
N ASP C 126 -12.11 10.37 -26.89
CA ASP C 126 -11.94 11.35 -27.97
C ASP C 126 -13.35 11.70 -28.43
N GLY C 127 -14.01 12.55 -27.65
CA GLY C 127 -15.37 12.96 -27.98
C GLY C 127 -16.46 12.02 -27.50
N LYS C 128 -16.14 10.74 -27.30
CA LYS C 128 -17.16 9.79 -26.87
C LYS C 128 -16.76 8.82 -25.75
N ILE C 129 -17.71 8.61 -24.84
CA ILE C 129 -17.53 7.70 -23.71
C ILE C 129 -18.58 6.61 -23.70
N LEU C 130 -18.27 5.50 -23.06
CA LEU C 130 -19.16 4.35 -22.96
C LEU C 130 -19.89 4.26 -21.62
N GLY C 131 -21.05 3.61 -21.61
CA GLY C 131 -21.79 3.41 -20.38
C GLY C 131 -21.01 2.38 -19.58
N LEU C 132 -20.69 2.70 -18.33
CA LEU C 132 -19.89 1.83 -17.46
C LEU C 132 -20.15 0.32 -17.59
N SER C 133 -21.42 -0.07 -17.47
CA SER C 133 -21.82 -1.47 -17.53
C SER C 133 -21.46 -2.18 -18.84
N LYS C 134 -21.39 -1.44 -19.94
CA LYS C 134 -21.05 -2.05 -21.22
C LYS C 134 -19.62 -2.61 -21.21
N PHE C 135 -18.79 -2.09 -20.30
CA PHE C 135 -17.42 -2.56 -20.17
C PHE C 135 -17.47 -3.99 -19.65
N ALA C 136 -18.37 -4.24 -18.71
CA ALA C 136 -18.55 -5.56 -18.12
C ALA C 136 -19.04 -6.56 -19.16
N ARG C 137 -19.93 -6.11 -20.04
CA ARG C 137 -20.49 -6.95 -21.09
C ARG C 137 -19.41 -7.34 -22.11
N ILE C 138 -18.53 -6.40 -22.46
CA ILE C 138 -17.44 -6.67 -23.40
C ILE C 138 -16.50 -7.70 -22.77
N VAL C 139 -16.22 -7.54 -21.46
CA VAL C 139 -15.34 -8.48 -20.75
C VAL C 139 -15.95 -9.88 -20.81
N ASP C 140 -17.24 -9.99 -20.50
CA ASP C 140 -17.94 -11.28 -20.53
C ASP C 140 -17.98 -11.88 -21.94
N MET C 141 -18.09 -11.01 -22.95
CA MET C 141 -18.14 -11.46 -24.34
C MET C 141 -16.89 -12.25 -24.74
N PHE C 142 -15.72 -11.78 -24.32
CA PHE C 142 -14.48 -12.46 -24.64
C PHE C 142 -14.03 -13.47 -23.58
N ALA C 143 -14.58 -13.37 -22.37
CA ALA C 143 -14.24 -14.31 -21.30
C ALA C 143 -14.99 -15.62 -21.46
N ARG C 144 -16.23 -15.55 -21.91
CA ARG C 144 -17.03 -16.74 -22.09
C ARG C 144 -16.70 -17.44 -23.40
N ARG C 145 -15.48 -17.95 -23.41
CA ARG C 145 -14.89 -18.65 -24.54
C ARG C 145 -13.75 -19.47 -23.95
N LEU C 146 -13.04 -20.19 -24.79
CA LEU C 146 -11.86 -20.94 -24.34
C LEU C 146 -10.78 -19.89 -24.57
N GLN C 147 -9.97 -19.63 -23.55
CA GLN C 147 -8.97 -18.59 -23.65
C GLN C 147 -7.57 -18.88 -23.13
N VAL C 148 -6.77 -17.82 -23.23
CA VAL C 148 -5.39 -17.73 -22.79
C VAL C 148 -5.45 -16.30 -22.22
N GLN C 149 -5.01 -16.09 -20.98
CA GLN C 149 -5.10 -14.77 -20.38
C GLN C 149 -4.47 -13.64 -21.20
N GLU C 150 -3.38 -13.94 -21.88
CA GLU C 150 -2.68 -12.96 -22.70
C GLU C 150 -3.59 -12.46 -23.82
N ARG C 151 -4.35 -13.39 -24.42
CA ARG C 151 -5.28 -13.06 -25.50
C ARG C 151 -6.50 -12.28 -25.00
N LEU C 152 -7.02 -12.67 -23.83
CA LEU C 152 -8.18 -12.02 -23.24
C LEU C 152 -7.96 -10.52 -23.07
N ALA C 153 -6.79 -10.14 -22.57
CA ALA C 153 -6.46 -8.73 -22.35
C ALA C 153 -6.40 -7.97 -23.67
N VAL C 154 -5.90 -8.63 -24.71
CA VAL C 154 -5.77 -8.02 -26.03
C VAL C 154 -7.13 -7.83 -26.72
N GLN C 155 -7.97 -8.86 -26.70
CA GLN C 155 -9.28 -8.78 -27.32
C GLN C 155 -10.21 -7.77 -26.66
N ILE C 156 -10.11 -7.62 -25.34
CA ILE C 156 -10.95 -6.65 -24.64
C ILE C 156 -10.51 -5.24 -25.04
N ALA C 157 -9.20 -5.02 -25.07
CA ALA C 157 -8.64 -3.72 -25.44
C ALA C 157 -8.97 -3.33 -26.88
N GLU C 158 -8.89 -4.29 -27.80
CA GLU C 158 -9.18 -4.03 -29.20
C GLU C 158 -10.66 -3.73 -29.42
N ALA C 159 -11.50 -4.42 -28.65
CA ALA C 159 -12.95 -4.23 -28.73
C ALA C 159 -13.31 -2.81 -28.33
N ILE C 160 -12.74 -2.35 -27.22
CA ILE C 160 -13.01 -1.00 -26.73
C ILE C 160 -12.47 0.06 -27.69
N GLN C 161 -11.31 -0.20 -28.28
CA GLN C 161 -10.69 0.72 -29.23
C GLN C 161 -11.61 0.89 -30.43
N GLU C 162 -12.18 -0.23 -30.89
CA GLU C 162 -13.07 -0.23 -32.04
C GLU C 162 -14.38 0.49 -31.76
N VAL C 163 -14.90 0.34 -30.55
CA VAL C 163 -16.16 0.97 -30.16
C VAL C 163 -16.08 2.48 -29.93
N LEU C 164 -15.10 2.92 -29.15
CA LEU C 164 -14.98 4.34 -28.85
C LEU C 164 -13.94 5.11 -29.65
N GLU C 165 -13.00 4.40 -30.26
CA GLU C 165 -11.92 5.03 -31.03
C GLU C 165 -11.34 6.18 -30.19
N PRO C 166 -10.97 5.90 -28.93
CA PRO C 166 -10.42 6.90 -28.03
C PRO C 166 -8.96 7.23 -28.32
N GLN C 167 -8.39 8.13 -27.52
CA GLN C 167 -7.00 8.50 -27.69
C GLN C 167 -6.12 7.32 -27.29
N GLY C 168 -6.64 6.46 -26.41
CA GLY C 168 -5.91 5.30 -25.96
C GLY C 168 -6.73 4.43 -25.01
N VAL C 169 -6.34 3.17 -24.90
CA VAL C 169 -7.01 2.21 -24.03
C VAL C 169 -5.98 1.35 -23.31
N GLY C 170 -6.24 1.08 -22.03
CA GLY C 170 -5.37 0.25 -21.23
C GLY C 170 -6.22 -0.80 -20.55
N VAL C 171 -5.79 -2.06 -20.64
CA VAL C 171 -6.52 -3.16 -20.02
C VAL C 171 -5.55 -4.06 -19.27
N VAL C 172 -5.91 -4.36 -18.02
CA VAL C 172 -5.11 -5.24 -17.18
C VAL C 172 -6.00 -6.37 -16.69
N VAL C 173 -5.52 -7.60 -16.84
CA VAL C 173 -6.24 -8.77 -16.38
C VAL C 173 -5.38 -9.45 -15.33
N GLU C 174 -6.00 -9.80 -14.20
CA GLU C 174 -5.30 -10.48 -13.14
C GLU C 174 -6.15 -11.65 -12.68
N GLY C 175 -5.61 -12.85 -12.73
CA GLY C 175 -6.39 -13.99 -12.33
C GLY C 175 -5.63 -15.18 -11.81
N VAL C 176 -6.40 -16.11 -11.25
CA VAL C 176 -5.88 -17.35 -10.72
C VAL C 176 -6.33 -18.44 -11.67
N HIS C 177 -5.48 -19.45 -11.85
CA HIS C 177 -5.74 -20.54 -12.76
C HIS C 177 -5.83 -21.87 -12.04
N LEU C 178 -7.00 -22.50 -12.11
CA LEU C 178 -7.21 -23.79 -11.44
C LEU C 178 -6.35 -24.91 -12.01
N CYS C 179 -5.97 -24.80 -13.28
CA CYS C 179 -5.14 -25.82 -13.90
C CYS C 179 -3.77 -25.84 -13.24
N MET C 180 -3.44 -24.75 -12.55
CA MET C 180 -2.16 -24.63 -11.85
C MET C 180 -2.24 -24.95 -10.35
N MET C 181 -3.41 -24.73 -9.76
CA MET C 181 -3.58 -24.98 -8.33
C MET C 181 -4.34 -26.24 -7.95
N MET C 182 -5.23 -26.67 -8.83
CA MET C 182 -6.07 -27.84 -8.62
C MET C 182 -5.48 -29.10 -9.26
N ARG C 183 -4.47 -28.90 -10.10
CA ARG C 183 -3.85 -30.00 -10.83
C ARG C 183 -2.38 -29.68 -11.14
N GLY C 184 -1.64 -30.70 -11.59
CA GLY C 184 -0.24 -30.53 -11.96
C GLY C 184 0.70 -30.06 -10.87
N VAL C 185 1.20 -28.83 -11.00
CA VAL C 185 2.13 -28.25 -10.02
C VAL C 185 1.46 -27.98 -8.68
N GLU C 186 0.17 -27.68 -8.72
CA GLU C 186 -0.59 -27.41 -7.51
C GLU C 186 -0.08 -26.27 -6.62
N LYS C 187 0.40 -25.20 -7.25
CA LYS C 187 0.86 -24.03 -6.51
C LYS C 187 -0.39 -23.32 -6.02
N GLN C 188 -0.32 -22.72 -4.84
CA GLN C 188 -1.48 -22.05 -4.23
C GLN C 188 -1.51 -20.52 -4.18
N HIS C 189 -0.34 -19.89 -4.03
CA HIS C 189 -0.28 -18.44 -3.90
C HIS C 189 -0.12 -17.63 -5.18
N SER C 190 0.01 -18.32 -6.32
CA SER C 190 0.23 -17.64 -7.59
C SER C 190 -0.94 -16.95 -8.28
N ARG C 191 -0.62 -15.84 -8.93
CA ARG C 191 -1.57 -15.02 -9.69
C ARG C 191 -0.87 -14.50 -10.93
N THR C 192 -1.60 -14.37 -12.02
CA THR C 192 -1.01 -13.88 -13.27
C THR C 192 -1.58 -12.56 -13.76
N VAL C 193 -0.69 -11.68 -14.20
CA VAL C 193 -1.08 -10.38 -14.73
C VAL C 193 -0.68 -10.30 -16.20
N THR C 194 -1.66 -9.98 -17.04
CA THR C 194 -1.47 -9.81 -18.47
C THR C 194 -2.15 -8.49 -18.80
N SER C 195 -1.70 -7.83 -19.86
CA SER C 195 -2.30 -6.56 -20.23
C SER C 195 -2.11 -6.23 -21.70
N ALA C 196 -2.73 -5.15 -22.13
CA ALA C 196 -2.65 -4.67 -23.49
C ALA C 196 -2.80 -3.15 -23.44
N MET C 197 -1.93 -2.46 -24.16
CA MET C 197 -1.94 -1.00 -24.21
C MET C 197 -2.06 -0.46 -25.63
N LEU C 198 -3.09 0.34 -25.88
CA LEU C 198 -3.33 0.93 -27.19
C LEU C 198 -3.36 2.46 -27.14
N GLY C 199 -2.98 3.09 -28.25
CA GLY C 199 -2.98 4.54 -28.34
C GLY C 199 -2.03 5.22 -27.38
N VAL C 200 -2.52 6.25 -26.69
CA VAL C 200 -1.71 6.99 -25.73
C VAL C 200 -1.21 6.17 -24.54
N PHE C 201 -1.87 5.05 -24.26
CA PHE C 201 -1.45 4.19 -23.15
C PHE C 201 -0.17 3.44 -23.54
N ARG C 202 0.14 3.46 -24.82
CA ARG C 202 1.34 2.83 -25.36
C ARG C 202 2.38 3.90 -25.69
N GLU C 203 1.90 5.04 -26.17
CA GLU C 203 2.76 6.15 -26.58
C GLU C 203 3.18 7.12 -25.47
N ASN C 204 2.31 7.31 -24.48
CA ASN C 204 2.60 8.21 -23.38
C ASN C 204 2.93 7.41 -22.12
N GLN C 205 4.21 7.39 -21.75
CA GLN C 205 4.70 6.68 -20.58
C GLN C 205 4.07 7.14 -19.27
N LYS C 206 3.83 8.45 -19.17
CA LYS C 206 3.21 9.05 -17.99
C LYS C 206 1.77 8.56 -17.87
N THR C 207 1.08 8.49 -19.00
CA THR C 207 -0.30 8.03 -19.06
C THR C 207 -0.45 6.59 -18.58
N ARG C 208 0.42 5.70 -19.05
CA ARG C 208 0.36 4.30 -18.65
C ARG C 208 0.63 4.17 -17.14
N GLU C 209 1.66 4.87 -16.67
CA GLU C 209 2.03 4.84 -15.26
C GLU C 209 0.89 5.32 -14.38
N GLU C 210 0.23 6.40 -14.80
CA GLU C 210 -0.90 6.97 -14.06
C GLU C 210 -2.07 5.98 -14.00
N PHE C 211 -2.29 5.24 -15.08
CA PHE C 211 -3.35 4.23 -15.15
C PHE C 211 -3.00 3.10 -14.18
N LEU C 212 -1.77 2.60 -14.28
CA LEU C 212 -1.30 1.51 -13.43
C LEU C 212 -1.27 1.87 -11.94
N SER C 213 -0.96 3.14 -11.64
CA SER C 213 -0.90 3.59 -10.26
C SER C 213 -2.30 3.63 -9.62
N HIS C 214 -3.30 3.92 -10.44
CA HIS C 214 -4.68 3.95 -9.96
C HIS C 214 -5.09 2.56 -9.48
N LEU C 215 -4.50 1.53 -10.07
CA LEU C 215 -4.80 0.14 -9.73
C LEU C 215 -4.16 -0.31 -8.42
N ARG C 216 -3.15 0.42 -7.97
CA ARG C 216 -2.49 0.08 -6.72
C ARG C 216 -3.29 0.68 -5.56
N GLU D 32 20.32 -43.18 -9.25
CA GLU D 32 20.29 -41.78 -8.75
C GLU D 32 20.92 -41.64 -7.36
N VAL D 33 20.09 -41.53 -6.33
CA VAL D 33 20.56 -41.39 -4.95
C VAL D 33 20.53 -42.72 -4.22
N ASP D 34 21.54 -42.95 -3.39
CA ASP D 34 21.64 -44.18 -2.61
C ASP D 34 20.87 -44.05 -1.30
N LEU D 35 19.59 -44.43 -1.34
CA LEU D 35 18.71 -44.36 -0.18
C LEU D 35 19.21 -45.13 1.03
N GLU D 36 19.83 -46.29 0.78
CA GLU D 36 20.36 -47.11 1.87
C GLU D 36 21.53 -46.42 2.56
N ARG D 37 22.36 -45.74 1.78
CA ARG D 37 23.51 -45.00 2.31
C ARG D 37 22.96 -43.88 3.19
N LEU D 38 21.97 -43.16 2.66
CA LEU D 38 21.34 -42.05 3.39
C LEU D 38 20.66 -42.58 4.66
N GLN D 39 19.98 -43.71 4.55
CA GLN D 39 19.30 -44.31 5.70
C GLN D 39 20.25 -44.52 6.86
N ALA D 40 21.35 -45.22 6.59
CA ALA D 40 22.36 -45.49 7.61
C ALA D 40 22.98 -44.22 8.18
N LEU D 41 23.23 -43.24 7.33
CA LEU D 41 23.81 -41.97 7.77
C LEU D 41 22.86 -41.28 8.76
N ALA D 42 21.58 -41.28 8.42
CA ALA D 42 20.55 -40.65 9.25
C ALA D 42 20.37 -41.39 10.57
N ALA D 43 20.41 -42.73 10.50
CA ALA D 43 20.28 -43.57 11.68
C ALA D 43 21.38 -43.27 12.69
N GLU D 44 22.59 -43.05 12.19
CA GLU D 44 23.72 -42.75 13.05
C GLU D 44 23.67 -41.31 13.54
N TRP D 45 23.09 -40.44 12.71
CA TRP D 45 22.94 -39.03 13.05
C TRP D 45 22.10 -38.92 14.31
N LEU D 46 21.03 -39.73 14.37
CA LEU D 46 20.14 -39.75 15.52
C LEU D 46 20.91 -40.10 16.79
N GLN D 47 21.77 -41.11 16.70
CA GLN D 47 22.58 -41.55 17.84
C GLN D 47 23.56 -40.50 18.35
N VAL D 48 24.27 -39.87 17.42
CA VAL D 48 25.26 -38.85 17.77
C VAL D 48 24.68 -37.61 18.47
N ILE D 49 23.46 -37.21 18.07
CA ILE D 49 22.81 -36.05 18.68
C ILE D 49 22.23 -36.40 20.06
N GLY D 50 22.25 -37.69 20.39
CA GLY D 50 21.76 -38.15 21.68
C GLY D 50 20.42 -38.86 21.73
N GLU D 51 19.84 -39.17 20.57
CA GLU D 51 18.54 -39.84 20.53
C GLU D 51 18.61 -41.37 20.49
N ASP D 52 17.43 -41.99 20.53
CA ASP D 52 17.32 -43.44 20.51
C ASP D 52 16.55 -43.89 19.27
N PRO D 53 17.26 -44.42 18.26
CA PRO D 53 16.67 -44.91 17.01
C PRO D 53 15.66 -46.04 17.23
N GLY D 54 15.70 -46.64 18.41
CA GLY D 54 14.78 -47.71 18.75
C GLY D 54 13.41 -47.23 19.21
N ARG D 55 13.31 -45.92 19.49
CA ARG D 55 12.05 -45.31 19.93
C ARG D 55 10.96 -45.55 18.89
N GLU D 56 9.74 -45.79 19.37
CA GLU D 56 8.60 -46.03 18.51
C GLU D 56 8.42 -44.89 17.49
N GLY D 57 8.69 -43.66 17.93
CA GLY D 57 8.56 -42.50 17.06
C GLY D 57 9.69 -42.31 16.06
N LEU D 58 10.83 -42.94 16.29
CA LEU D 58 11.97 -42.83 15.40
C LEU D 58 12.24 -44.07 14.52
N LEU D 59 11.45 -45.13 14.73
CA LEU D 59 11.62 -46.39 13.98
C LEU D 59 11.85 -46.26 12.47
N LYS D 60 10.91 -45.63 11.78
CA LYS D 60 11.03 -45.48 10.33
C LYS D 60 11.65 -44.14 9.91
N THR D 61 12.17 -43.37 10.87
CA THR D 61 12.76 -42.06 10.54
C THR D 61 13.91 -42.05 9.53
N PRO D 62 14.95 -42.86 9.74
CA PRO D 62 16.07 -42.88 8.78
C PRO D 62 15.60 -43.14 7.34
N GLU D 63 14.57 -43.96 7.19
CA GLU D 63 14.00 -44.26 5.89
C GLU D 63 13.29 -43.04 5.31
N ARG D 64 12.38 -42.46 6.10
CA ARG D 64 11.63 -41.27 5.69
C ARG D 64 12.53 -40.10 5.33
N VAL D 65 13.65 -39.98 6.03
CA VAL D 65 14.60 -38.89 5.78
C VAL D 65 15.32 -39.08 4.44
N ALA D 66 15.67 -40.32 4.13
CA ALA D 66 16.37 -40.61 2.88
C ALA D 66 15.52 -40.26 1.66
N LYS D 67 14.25 -40.63 1.72
CA LYS D 67 13.32 -40.36 0.63
C LYS D 67 13.05 -38.86 0.53
N ALA D 68 12.95 -38.21 1.70
CA ALA D 68 12.71 -36.77 1.76
C ALA D 68 13.84 -36.03 1.07
N TRP D 69 15.08 -36.37 1.41
CA TRP D 69 16.25 -35.73 0.84
C TRP D 69 16.48 -36.05 -0.63
N ALA D 70 15.89 -37.16 -1.08
CA ALA D 70 15.99 -37.54 -2.49
C ALA D 70 15.03 -36.61 -3.23
N PHE D 71 13.88 -36.36 -2.60
CA PHE D 71 12.89 -35.47 -3.18
C PHE D 71 13.40 -34.03 -3.19
N LEU D 72 13.99 -33.61 -2.07
CA LEU D 72 14.51 -32.25 -1.94
C LEU D 72 15.68 -31.89 -2.84
N THR D 73 16.30 -32.90 -3.47
CA THR D 73 17.44 -32.67 -4.35
C THR D 73 17.16 -33.11 -5.78
N ARG D 74 15.93 -33.52 -6.06
CA ARG D 74 15.53 -33.98 -7.38
C ARG D 74 15.79 -32.99 -8.53
N GLY D 75 15.89 -31.70 -8.21
CA GLY D 75 16.14 -30.68 -9.22
C GLY D 75 17.48 -30.79 -9.91
N TYR D 76 18.44 -31.45 -9.25
CA TYR D 76 19.76 -31.64 -9.82
C TYR D 76 19.66 -32.59 -11.02
N ARG D 77 18.74 -33.55 -10.93
CA ARG D 77 18.55 -34.55 -11.97
C ARG D 77 17.49 -34.25 -13.03
N GLN D 78 16.91 -33.06 -13.00
CA GLN D 78 15.88 -32.72 -13.98
C GLN D 78 16.43 -32.02 -15.22
N ARG D 79 15.76 -32.23 -16.34
CA ARG D 79 16.13 -31.63 -17.61
C ARG D 79 15.15 -30.55 -18.00
N LEU D 80 15.66 -29.35 -18.26
CA LEU D 80 14.85 -28.20 -18.63
C LEU D 80 13.92 -28.49 -19.80
N GLU D 81 14.41 -29.25 -20.77
CA GLU D 81 13.63 -29.60 -21.96
C GLU D 81 12.40 -30.43 -21.61
N GLU D 82 12.57 -31.35 -20.66
CA GLU D 82 11.47 -32.22 -20.23
C GLU D 82 10.51 -31.49 -19.28
N VAL D 83 11.05 -30.57 -18.49
CA VAL D 83 10.27 -29.79 -17.54
C VAL D 83 9.29 -28.91 -18.31
N VAL D 84 9.77 -28.33 -19.40
CA VAL D 84 8.94 -27.46 -20.24
C VAL D 84 7.90 -28.27 -21.00
N GLY D 85 8.27 -29.50 -21.34
CA GLY D 85 7.36 -30.40 -22.07
C GLY D 85 6.70 -29.80 -23.29
N GLY D 86 7.46 -29.03 -24.07
CA GLY D 86 6.93 -28.41 -25.27
C GLY D 86 5.68 -27.54 -25.10
N ALA D 87 5.40 -27.10 -23.88
CA ALA D 87 4.24 -26.25 -23.62
C ALA D 87 4.55 -24.79 -23.95
N VAL D 88 5.05 -24.58 -25.17
CA VAL D 88 5.39 -23.26 -25.67
C VAL D 88 4.37 -22.95 -26.76
N PHE D 89 3.79 -21.75 -26.70
CA PHE D 89 2.77 -21.34 -27.67
C PHE D 89 3.11 -19.99 -28.28
N PRO D 90 2.57 -19.70 -29.48
CA PRO D 90 2.84 -18.42 -30.13
C PRO D 90 2.31 -17.26 -29.29
N ALA D 91 3.08 -16.18 -29.24
CA ALA D 91 2.69 -15.00 -28.47
C ALA D 91 1.39 -14.38 -28.97
N GLU D 92 0.60 -13.88 -28.03
CA GLU D 92 -0.67 -13.24 -28.35
C GLU D 92 -0.50 -11.73 -28.46
N GLY D 93 0.49 -11.21 -27.74
CA GLY D 93 0.77 -9.79 -27.76
C GLY D 93 2.23 -9.49 -27.47
N SER D 94 2.53 -8.20 -27.27
CA SER D 94 3.89 -7.75 -27.01
C SER D 94 4.02 -7.21 -25.59
N GLU D 95 2.93 -7.26 -24.84
CA GLU D 95 2.90 -6.77 -23.48
C GLU D 95 3.46 -7.75 -22.44
N MET D 96 3.95 -7.20 -21.34
CA MET D 96 4.54 -7.94 -20.24
C MET D 96 3.58 -8.95 -19.59
N VAL D 97 4.11 -10.15 -19.29
CA VAL D 97 3.34 -11.18 -18.62
C VAL D 97 4.01 -11.30 -17.25
N VAL D 98 3.21 -11.22 -16.19
CA VAL D 98 3.74 -11.33 -14.83
C VAL D 98 3.08 -12.50 -14.11
N VAL D 99 3.91 -13.44 -13.66
CA VAL D 99 3.43 -14.59 -12.91
C VAL D 99 4.00 -14.39 -11.52
N LYS D 100 3.14 -13.96 -10.59
CA LYS D 100 3.59 -13.70 -9.23
C LYS D 100 3.12 -14.68 -8.17
N GLY D 101 3.82 -14.64 -7.03
CA GLY D 101 3.46 -15.50 -5.92
C GLY D 101 3.68 -16.99 -6.07
N VAL D 102 4.66 -17.40 -6.86
CA VAL D 102 4.94 -18.82 -7.02
C VAL D 102 5.76 -19.21 -5.79
N GLU D 103 5.09 -19.86 -4.83
CA GLU D 103 5.78 -20.27 -3.61
C GLU D 103 6.89 -21.27 -3.94
N PHE D 104 7.97 -21.22 -3.16
CA PHE D 104 9.09 -22.12 -3.38
C PHE D 104 9.65 -22.53 -2.03
N TYR D 105 10.34 -23.66 -2.01
CA TYR D 105 10.98 -24.17 -0.82
C TYR D 105 12.36 -24.65 -1.25
N SER D 106 13.38 -24.27 -0.49
CA SER D 106 14.75 -24.67 -0.79
C SER D 106 15.55 -24.90 0.48
N MET D 107 16.82 -25.27 0.31
CA MET D 107 17.73 -25.55 1.42
C MET D 107 18.98 -24.71 1.23
N CYS D 108 19.45 -24.05 2.29
CA CYS D 108 20.65 -23.23 2.16
C CYS D 108 21.88 -24.14 2.16
N GLU D 109 22.80 -23.90 1.23
CA GLU D 109 23.98 -24.74 1.14
C GLU D 109 24.95 -24.55 2.30
N HIS D 110 24.82 -23.44 3.03
CA HIS D 110 25.71 -23.17 4.16
C HIS D 110 25.35 -23.95 5.42
N HIS D 111 24.05 -24.10 5.69
CA HIS D 111 23.60 -24.79 6.91
C HIS D 111 22.67 -25.96 6.68
N LEU D 112 22.24 -26.19 5.44
CA LEU D 112 21.32 -27.27 5.13
C LEU D 112 19.98 -27.10 5.86
N LEU D 113 19.56 -25.85 6.02
CA LEU D 113 18.29 -25.54 6.66
C LEU D 113 17.39 -24.91 5.60
N PRO D 114 16.07 -25.12 5.71
CA PRO D 114 15.18 -24.54 4.71
C PRO D 114 15.00 -23.02 4.73
N PHE D 115 14.79 -22.49 3.54
CA PHE D 115 14.48 -21.07 3.35
C PHE D 115 13.41 -21.18 2.29
N PHE D 116 12.40 -20.31 2.36
CA PHE D 116 11.27 -20.40 1.43
C PHE D 116 10.55 -19.08 1.32
N GLY D 117 9.61 -19.02 0.38
CA GLY D 117 8.86 -17.81 0.16
C GLY D 117 8.20 -17.89 -1.18
N LYS D 118 8.30 -16.80 -1.95
CA LYS D 118 7.68 -16.70 -3.27
C LYS D 118 8.64 -16.24 -4.36
N VAL D 119 8.30 -16.59 -5.61
CA VAL D 119 9.09 -16.20 -6.78
C VAL D 119 8.16 -15.44 -7.74
N HIS D 120 8.60 -14.25 -8.13
CA HIS D 120 7.82 -13.40 -9.04
C HIS D 120 8.54 -13.35 -10.37
N ILE D 121 7.83 -13.72 -11.43
CA ILE D 121 8.38 -13.75 -12.78
C ILE D 121 7.69 -12.82 -13.76
N GLY D 122 8.48 -12.06 -14.50
CA GLY D 122 7.93 -11.15 -15.48
C GLY D 122 8.72 -11.22 -16.78
N TYR D 123 8.02 -11.18 -17.91
CA TYR D 123 8.70 -11.23 -19.18
C TYR D 123 7.91 -10.65 -20.35
N ILE D 124 8.66 -10.18 -21.34
CA ILE D 124 8.10 -9.63 -22.56
C ILE D 124 8.50 -10.63 -23.65
N PRO D 125 7.50 -11.27 -24.28
CA PRO D 125 7.68 -12.27 -25.33
C PRO D 125 8.30 -11.76 -26.62
N ASP D 126 8.62 -12.73 -27.49
CA ASP D 126 9.17 -12.48 -28.81
C ASP D 126 8.65 -13.64 -29.65
N GLY D 127 7.33 -13.67 -29.80
CA GLY D 127 6.70 -14.73 -30.58
C GLY D 127 6.42 -16.01 -29.81
N LYS D 128 6.96 -16.10 -28.59
CA LYS D 128 6.78 -17.30 -27.77
C LYS D 128 6.38 -17.03 -26.32
N ILE D 129 5.35 -17.73 -25.85
CA ILE D 129 4.89 -17.63 -24.47
C ILE D 129 4.90 -19.03 -23.87
N LEU D 130 5.06 -19.11 -22.56
CA LEU D 130 5.11 -20.40 -21.87
C LEU D 130 3.85 -20.72 -21.09
N GLY D 131 3.53 -22.01 -20.98
CA GLY D 131 2.38 -22.44 -20.21
C GLY D 131 2.63 -21.97 -18.80
N LEU D 132 1.67 -21.26 -18.23
CA LEU D 132 1.80 -20.71 -16.88
C LEU D 132 2.32 -21.70 -15.83
N SER D 133 1.82 -22.93 -15.85
CA SER D 133 2.23 -23.93 -14.87
C SER D 133 3.70 -24.38 -15.02
N LYS D 134 4.29 -24.15 -16.18
CA LYS D 134 5.68 -24.53 -16.41
C LYS D 134 6.64 -23.62 -15.65
N PHE D 135 6.18 -22.41 -15.35
CA PHE D 135 7.00 -21.47 -14.59
C PHE D 135 7.20 -22.01 -13.17
N ALA D 136 6.18 -22.68 -12.64
CA ALA D 136 6.25 -23.26 -11.32
C ALA D 136 7.20 -24.47 -11.39
N ARG D 137 7.08 -25.22 -12.47
CA ARG D 137 7.93 -26.39 -12.69
C ARG D 137 9.40 -25.97 -12.80
N ILE D 138 9.67 -24.81 -13.44
CA ILE D 138 11.05 -24.33 -13.56
C ILE D 138 11.57 -23.88 -12.19
N VAL D 139 10.73 -23.15 -11.45
CA VAL D 139 11.09 -22.69 -10.09
C VAL D 139 11.49 -23.88 -9.22
N ASP D 140 10.66 -24.93 -9.20
CA ASP D 140 10.95 -26.13 -8.40
C ASP D 140 12.24 -26.83 -8.83
N MET D 141 12.52 -26.83 -10.13
CA MET D 141 13.71 -27.47 -10.68
C MET D 141 14.98 -26.93 -10.02
N PHE D 142 15.04 -25.60 -9.84
CA PHE D 142 16.21 -24.98 -9.23
C PHE D 142 16.13 -24.79 -7.71
N ALA D 143 14.92 -24.80 -7.16
CA ALA D 143 14.73 -24.66 -5.72
C ALA D 143 15.07 -25.95 -4.98
N ARG D 144 14.71 -27.07 -5.59
CA ARG D 144 14.97 -28.37 -5.00
C ARG D 144 16.41 -28.83 -5.18
N ARG D 145 17.30 -28.01 -4.62
CA ARG D 145 18.73 -28.20 -4.65
C ARG D 145 19.26 -27.48 -3.42
N LEU D 146 20.58 -27.51 -3.24
CA LEU D 146 21.21 -26.77 -2.16
C LEU D 146 21.40 -25.42 -2.87
N GLN D 147 21.08 -24.33 -2.18
CA GLN D 147 21.17 -23.02 -2.80
C GLN D 147 21.54 -21.87 -1.87
N VAL D 148 21.59 -20.69 -2.48
CA VAL D 148 21.80 -19.39 -1.86
C VAL D 148 20.77 -18.63 -2.68
N GLN D 149 19.99 -17.76 -2.04
CA GLN D 149 18.94 -17.06 -2.76
C GLN D 149 19.35 -16.23 -3.96
N GLU D 150 20.56 -15.67 -3.91
CA GLU D 150 21.09 -14.87 -5.02
C GLU D 150 21.24 -15.66 -6.31
N ARG D 151 21.64 -16.93 -6.19
CA ARG D 151 21.83 -17.82 -7.34
C ARG D 151 20.51 -18.33 -7.89
N LEU D 152 19.59 -18.66 -6.98
CA LEU D 152 18.28 -19.19 -7.36
C LEU D 152 17.55 -18.30 -8.35
N ALA D 153 17.59 -16.99 -8.11
CA ALA D 153 16.92 -16.03 -8.99
C ALA D 153 17.57 -15.99 -10.36
N VAL D 154 18.90 -16.02 -10.39
CA VAL D 154 19.64 -15.98 -11.65
C VAL D 154 19.39 -17.21 -12.52
N GLN D 155 19.40 -18.39 -11.89
CA GLN D 155 19.16 -19.62 -12.64
C GLN D 155 17.72 -19.72 -13.16
N ILE D 156 16.77 -19.17 -12.41
CA ILE D 156 15.38 -19.21 -12.88
C ILE D 156 15.25 -18.30 -14.11
N ALA D 157 15.84 -17.10 -14.03
CA ALA D 157 15.79 -16.17 -15.14
C ALA D 157 16.52 -16.73 -16.38
N GLU D 158 17.69 -17.31 -16.17
CA GLU D 158 18.48 -17.89 -17.27
C GLU D 158 17.75 -19.06 -17.91
N ALA D 159 17.03 -19.82 -17.10
CA ALA D 159 16.28 -20.96 -17.60
C ALA D 159 15.14 -20.47 -18.49
N ILE D 160 14.49 -19.39 -18.05
CA ILE D 160 13.37 -18.81 -18.82
C ILE D 160 13.85 -18.21 -20.12
N GLN D 161 15.01 -17.54 -20.07
CA GLN D 161 15.60 -16.93 -21.26
C GLN D 161 16.00 -18.01 -22.27
N GLU D 162 16.37 -19.19 -21.77
CA GLU D 162 16.78 -20.28 -22.64
C GLU D 162 15.57 -20.92 -23.33
N VAL D 163 14.54 -21.24 -22.54
CA VAL D 163 13.31 -21.86 -23.06
C VAL D 163 12.60 -21.01 -24.09
N LEU D 164 12.36 -19.74 -23.75
CA LEU D 164 11.70 -18.82 -24.65
C LEU D 164 12.80 -17.91 -25.14
N GLU D 165 12.53 -17.08 -26.12
CA GLU D 165 13.55 -16.14 -26.58
C GLU D 165 12.90 -14.79 -26.35
N PRO D 166 12.62 -14.47 -25.07
CA PRO D 166 11.98 -13.20 -24.73
C PRO D 166 12.87 -12.02 -24.98
N GLN D 167 12.25 -10.85 -25.09
CA GLN D 167 12.97 -9.61 -25.27
C GLN D 167 13.61 -9.30 -23.91
N GLY D 168 13.00 -9.83 -22.85
CA GLY D 168 13.51 -9.62 -21.51
C GLY D 168 12.84 -10.49 -20.46
N VAL D 169 13.54 -10.69 -19.35
CA VAL D 169 13.03 -11.49 -18.25
C VAL D 169 13.38 -10.86 -16.93
N GLY D 170 12.45 -10.93 -15.99
CA GLY D 170 12.67 -10.39 -14.65
C GLY D 170 12.22 -11.43 -13.64
N VAL D 171 13.03 -11.65 -12.62
CA VAL D 171 12.72 -12.62 -11.59
C VAL D 171 13.06 -12.04 -10.23
N VAL D 172 12.07 -12.07 -9.34
CA VAL D 172 12.27 -11.57 -7.99
C VAL D 172 11.95 -12.68 -6.98
N VAL D 173 12.91 -12.98 -6.12
CA VAL D 173 12.72 -14.00 -5.12
C VAL D 173 12.70 -13.34 -3.75
N GLU D 174 11.72 -13.72 -2.93
CA GLU D 174 11.59 -13.18 -1.60
C GLU D 174 11.39 -14.33 -0.65
N GLY D 175 12.31 -14.50 0.29
CA GLY D 175 12.18 -15.60 1.23
C GLY D 175 12.66 -15.34 2.63
N VAL D 176 12.21 -16.18 3.55
CA VAL D 176 12.63 -16.10 4.93
C VAL D 176 13.59 -17.29 5.07
N HIS D 177 14.62 -17.11 5.89
CA HIS D 177 15.63 -18.14 6.07
C HIS D 177 15.67 -18.69 7.50
N LEU D 178 15.35 -19.97 7.66
CA LEU D 178 15.35 -20.57 8.97
C LEU D 178 16.72 -20.60 9.64
N CYS D 179 17.78 -20.53 8.84
CA CYS D 179 19.13 -20.53 9.40
C CYS D 179 19.35 -19.25 10.21
N MET D 180 18.56 -18.21 9.91
CA MET D 180 18.61 -16.93 10.61
C MET D 180 17.57 -16.90 11.74
N MET D 181 16.46 -17.60 11.54
CA MET D 181 15.36 -17.63 12.49
C MET D 181 15.38 -18.62 13.64
N MET D 182 15.69 -19.89 13.37
CA MET D 182 15.71 -20.89 14.43
C MET D 182 17.09 -21.19 15.00
N ARG D 183 18.08 -20.38 14.63
CA ARG D 183 19.45 -20.59 15.08
C ARG D 183 20.28 -19.31 14.90
N GLY D 184 21.48 -19.32 15.47
CA GLY D 184 22.38 -18.18 15.36
C GLY D 184 21.86 -16.85 15.88
N VAL D 185 21.57 -15.92 14.96
CA VAL D 185 21.05 -14.60 15.33
C VAL D 185 19.62 -14.64 15.84
N GLU D 186 18.87 -15.63 15.39
CA GLU D 186 17.47 -15.81 15.80
C GLU D 186 16.57 -14.59 15.55
N LYS D 187 16.76 -13.92 14.43
CA LYS D 187 15.93 -12.76 14.06
C LYS D 187 14.63 -13.32 13.54
N GLN D 188 13.53 -12.61 13.77
CA GLN D 188 12.20 -13.08 13.38
C GLN D 188 11.45 -12.33 12.29
N HIS D 189 11.71 -11.03 12.17
CA HIS D 189 10.99 -10.22 11.18
C HIS D 189 11.67 -10.09 9.82
N SER D 190 12.88 -10.64 9.70
CA SER D 190 13.63 -10.52 8.46
C SER D 190 13.19 -11.36 7.28
N ARG D 191 13.32 -10.76 6.10
CA ARG D 191 13.00 -11.37 4.81
C ARG D 191 14.02 -10.82 3.81
N THR D 192 14.44 -11.65 2.87
CA THR D 192 15.44 -11.23 1.89
C THR D 192 14.94 -11.25 0.47
N VAL D 193 15.27 -10.21 -0.27
CA VAL D 193 14.90 -10.07 -1.66
C VAL D 193 16.14 -10.14 -2.54
N THR D 194 16.05 -10.96 -3.58
CA THR D 194 17.12 -11.11 -4.57
C THR D 194 16.39 -11.13 -5.91
N SER D 195 17.09 -10.78 -6.98
CA SER D 195 16.49 -10.76 -8.30
C SER D 195 17.53 -10.89 -9.40
N ALA D 196 17.04 -10.95 -10.63
CA ALA D 196 17.86 -11.04 -11.83
C ALA D 196 17.05 -10.45 -12.98
N MET D 197 17.70 -9.61 -13.76
CA MET D 197 17.09 -8.93 -14.90
C MET D 197 17.92 -9.21 -16.15
N LEU D 198 17.24 -9.63 -17.21
CA LEU D 198 17.90 -9.96 -18.48
C LEU D 198 17.12 -9.30 -19.60
N GLY D 199 17.81 -9.03 -20.71
CA GLY D 199 17.18 -8.40 -21.86
C GLY D 199 16.71 -6.99 -21.58
N VAL D 200 15.47 -6.69 -21.97
CA VAL D 200 14.90 -5.36 -21.77
C VAL D 200 14.66 -4.98 -20.31
N PHE D 201 14.51 -5.98 -19.44
CA PHE D 201 14.29 -5.71 -18.02
C PHE D 201 15.55 -5.10 -17.39
N ARG D 202 16.66 -5.27 -18.07
CA ARG D 202 17.95 -4.75 -17.63
C ARG D 202 18.30 -3.46 -18.40
N GLU D 203 17.88 -3.40 -19.67
CA GLU D 203 18.16 -2.24 -20.52
C GLU D 203 17.14 -1.10 -20.39
N ASN D 204 15.85 -1.45 -20.37
CA ASN D 204 14.78 -0.47 -20.28
C ASN D 204 14.36 -0.23 -18.81
N GLN D 205 14.77 0.91 -18.28
CA GLN D 205 14.47 1.32 -16.91
C GLN D 205 12.98 1.33 -16.57
N LYS D 206 12.18 1.85 -17.49
CA LYS D 206 10.73 1.93 -17.30
C LYS D 206 10.11 0.56 -17.21
N THR D 207 10.60 -0.35 -18.05
CA THR D 207 10.10 -1.71 -18.07
C THR D 207 10.37 -2.39 -16.72
N ARG D 208 11.57 -2.19 -16.18
CA ARG D 208 11.93 -2.77 -14.89
C ARG D 208 11.03 -2.21 -13.78
N GLU D 209 10.86 -0.89 -13.78
CA GLU D 209 10.02 -0.23 -12.78
C GLU D 209 8.57 -0.70 -12.84
N GLU D 210 8.08 -0.90 -14.05
CA GLU D 210 6.70 -1.36 -14.28
C GLU D 210 6.52 -2.78 -13.72
N PHE D 211 7.53 -3.62 -13.91
CA PHE D 211 7.51 -4.99 -13.41
C PHE D 211 7.52 -4.92 -11.88
N LEU D 212 8.47 -4.18 -11.32
CA LEU D 212 8.58 -4.06 -9.87
C LEU D 212 7.32 -3.48 -9.22
N SER D 213 6.68 -2.53 -9.90
CA SER D 213 5.46 -1.89 -9.41
C SER D 213 4.30 -2.87 -9.35
N HIS D 214 4.26 -3.79 -10.30
CA HIS D 214 3.21 -4.80 -10.35
C HIS D 214 3.26 -5.71 -9.11
N LEU D 215 4.43 -5.82 -8.51
CA LEU D 215 4.61 -6.67 -7.32
C LEU D 215 4.22 -5.99 -6.02
N ARG D 216 4.05 -4.67 -6.04
CA ARG D 216 3.64 -3.96 -4.84
C ARG D 216 2.13 -4.01 -4.73
N VAL E 33 36.46 -6.03 37.15
CA VAL E 33 35.45 -6.29 38.24
C VAL E 33 34.26 -5.33 38.04
N ASP E 34 33.89 -5.13 36.77
CA ASP E 34 32.79 -4.25 36.40
C ASP E 34 31.38 -4.69 36.82
N LEU E 35 31.07 -5.97 36.68
CA LEU E 35 29.74 -6.46 37.06
C LEU E 35 29.43 -6.19 38.53
N GLU E 36 30.43 -6.36 39.39
CA GLU E 36 30.24 -6.12 40.83
C GLU E 36 30.03 -4.64 41.09
N ARG E 37 30.78 -3.80 40.37
CA ARG E 37 30.66 -2.36 40.53
C ARG E 37 29.26 -1.93 40.09
N LEU E 38 28.79 -2.45 38.96
CA LEU E 38 27.45 -2.13 38.46
C LEU E 38 26.40 -2.58 39.48
N GLN E 39 26.60 -3.77 40.05
CA GLN E 39 25.66 -4.30 41.05
C GLN E 39 25.47 -3.32 42.20
N ALA E 40 26.59 -2.82 42.72
CA ALA E 40 26.56 -1.88 43.83
C ALA E 40 25.86 -0.58 43.46
N LEU E 41 26.17 -0.06 42.29
CA LEU E 41 25.55 1.18 41.80
C LEU E 41 24.04 0.99 41.67
N ALA E 42 23.64 -0.15 41.09
CA ALA E 42 22.24 -0.48 40.91
C ALA E 42 21.51 -0.58 42.24
N ALA E 43 22.17 -1.16 43.24
CA ALA E 43 21.60 -1.32 44.57
C ALA E 43 21.31 0.03 45.20
N GLU E 44 22.24 0.98 45.01
CA GLU E 44 22.07 2.31 45.59
C GLU E 44 21.03 3.09 44.81
N TRP E 45 20.94 2.84 43.51
CA TRP E 45 19.97 3.51 42.65
C TRP E 45 18.57 3.20 43.19
N LEU E 46 18.35 1.93 43.52
CA LEU E 46 17.07 1.46 44.07
C LEU E 46 16.66 2.25 45.32
N GLN E 47 17.62 2.50 46.20
CA GLN E 47 17.38 3.24 47.44
C GLN E 47 17.08 4.71 47.21
N VAL E 48 17.87 5.34 46.36
CA VAL E 48 17.71 6.76 46.04
C VAL E 48 16.33 7.09 45.46
N ILE E 49 15.74 6.14 44.73
CA ILE E 49 14.43 6.36 44.13
C ILE E 49 13.29 6.03 45.08
N GLY E 50 13.64 5.54 46.28
CA GLY E 50 12.62 5.22 47.28
C GLY E 50 12.27 3.76 47.48
N GLU E 51 12.97 2.85 46.78
CA GLU E 51 12.71 1.42 46.93
C GLU E 51 13.52 0.75 48.02
N ASP E 52 13.22 -0.53 48.25
CA ASP E 52 13.88 -1.32 49.26
C ASP E 52 14.54 -2.55 48.64
N PRO E 53 15.88 -2.51 48.48
CA PRO E 53 16.68 -3.59 47.90
C PRO E 53 16.56 -4.91 48.64
N GLY E 54 15.99 -4.84 49.85
CA GLY E 54 15.83 -6.02 50.67
C GLY E 54 14.56 -6.82 50.42
N ARG E 55 13.55 -6.22 49.80
CA ARG E 55 12.32 -6.95 49.55
C ARG E 55 12.54 -8.03 48.48
N GLU E 56 11.79 -9.10 48.61
CA GLU E 56 11.89 -10.25 47.72
C GLU E 56 11.99 -9.99 46.21
N GLY E 57 11.12 -9.12 45.70
CA GLY E 57 11.14 -8.83 44.28
C GLY E 57 12.38 -8.12 43.76
N LEU E 58 13.19 -7.57 44.67
CA LEU E 58 14.40 -6.85 44.30
C LEU E 58 15.72 -7.50 44.69
N LEU E 59 15.64 -8.59 45.46
CA LEU E 59 16.85 -9.30 45.93
C LEU E 59 17.97 -9.45 44.90
N LYS E 60 17.71 -10.17 43.81
CA LYS E 60 18.71 -10.37 42.76
C LYS E 60 18.69 -9.32 41.66
N THR E 61 17.90 -8.26 41.83
CA THR E 61 17.81 -7.20 40.81
C THR E 61 19.12 -6.50 40.45
N PRO E 62 19.90 -6.06 41.46
CA PRO E 62 21.17 -5.39 41.15
C PRO E 62 22.07 -6.27 40.27
N GLU E 63 22.05 -7.58 40.54
CA GLU E 63 22.84 -8.53 39.77
C GLU E 63 22.27 -8.70 38.36
N ARG E 64 20.96 -8.83 38.26
CA ARG E 64 20.30 -8.97 36.96
C ARG E 64 20.55 -7.75 36.10
N VAL E 65 20.48 -6.56 36.70
CA VAL E 65 20.71 -5.30 35.97
C VAL E 65 22.13 -5.22 35.43
N ALA E 66 23.10 -5.62 36.26
CA ALA E 66 24.50 -5.60 35.90
C ALA E 66 24.76 -6.45 34.64
N LYS E 67 24.25 -7.67 34.64
CA LYS E 67 24.42 -8.59 33.52
C LYS E 67 23.70 -8.05 32.29
N ALA E 68 22.51 -7.50 32.50
CA ALA E 68 21.72 -6.94 31.40
C ALA E 68 22.54 -5.86 30.70
N TRP E 69 23.10 -4.96 31.49
CA TRP E 69 23.89 -3.87 30.94
C TRP E 69 25.20 -4.28 30.26
N ALA E 70 25.79 -5.40 30.69
CA ALA E 70 27.02 -5.88 30.06
C ALA E 70 26.63 -6.41 28.68
N PHE E 71 25.42 -6.97 28.60
CA PHE E 71 24.91 -7.48 27.34
C PHE E 71 24.47 -6.35 26.41
N LEU E 72 23.82 -5.34 26.97
CA LEU E 72 23.33 -4.20 26.19
C LEU E 72 24.44 -3.30 25.65
N THR E 73 25.66 -3.46 26.17
CA THR E 73 26.79 -2.66 25.72
C THR E 73 27.90 -3.51 25.10
N ARG E 74 27.64 -4.81 24.94
CA ARG E 74 28.61 -5.74 24.37
C ARG E 74 29.15 -5.33 22.99
N GLY E 75 28.38 -4.51 22.28
CA GLY E 75 28.80 -4.07 20.95
C GLY E 75 30.09 -3.28 20.92
N TYR E 76 30.37 -2.57 22.01
CA TYR E 76 31.57 -1.75 22.11
C TYR E 76 32.83 -2.62 22.05
N ARG E 77 32.75 -3.83 22.59
CA ARG E 77 33.89 -4.74 22.63
C ARG E 77 33.95 -5.79 21.53
N GLN E 78 33.08 -5.65 20.53
CA GLN E 78 33.08 -6.60 19.42
C GLN E 78 33.99 -6.14 18.28
N ARG E 79 34.49 -7.10 17.51
CA ARG E 79 35.36 -6.80 16.37
C ARG E 79 34.70 -7.27 15.09
N LEU E 80 34.54 -6.35 14.15
CA LEU E 80 33.91 -6.62 12.87
C LEU E 80 34.45 -7.86 12.16
N GLU E 81 35.77 -8.00 12.13
CA GLU E 81 36.44 -9.13 11.49
C GLU E 81 35.94 -10.45 12.07
N GLU E 82 35.71 -10.47 13.38
CA GLU E 82 35.22 -11.67 14.07
C GLU E 82 33.73 -11.88 13.86
N VAL E 83 32.99 -10.77 13.81
CA VAL E 83 31.54 -10.80 13.62
C VAL E 83 31.17 -11.41 12.27
N VAL E 84 31.92 -11.07 11.24
CA VAL E 84 31.69 -11.58 9.89
C VAL E 84 32.20 -13.01 9.70
N GLY E 85 33.32 -13.32 10.33
CA GLY E 85 33.89 -14.65 10.21
C GLY E 85 34.27 -14.97 8.78
N GLY E 86 34.02 -16.21 8.37
CA GLY E 86 34.33 -16.61 7.01
C GLY E 86 33.05 -16.78 6.20
N ALA E 87 32.13 -15.83 6.37
CA ALA E 87 30.86 -15.89 5.66
C ALA E 87 30.75 -14.91 4.49
N VAL E 88 31.85 -14.72 3.77
CA VAL E 88 31.86 -13.85 2.59
C VAL E 88 32.07 -14.78 1.39
N PHE E 89 31.15 -14.74 0.44
CA PHE E 89 31.21 -15.62 -0.72
C PHE E 89 31.24 -14.85 -2.03
N PRO E 90 31.61 -15.53 -3.14
CA PRO E 90 31.67 -14.92 -4.47
C PRO E 90 30.26 -14.55 -4.91
N ALA E 91 30.11 -13.37 -5.50
CA ALA E 91 28.81 -12.90 -5.97
C ALA E 91 28.24 -13.83 -7.05
N GLU E 92 26.94 -14.05 -7.00
CA GLU E 92 26.25 -14.91 -7.95
C GLU E 92 25.67 -14.11 -9.13
N GLY E 93 25.43 -12.83 -8.88
CA GLY E 93 24.87 -11.97 -9.91
C GLY E 93 25.25 -10.53 -9.68
N SER E 94 24.59 -9.63 -10.41
CA SER E 94 24.88 -8.20 -10.30
C SER E 94 23.76 -7.37 -9.67
N GLU E 95 22.58 -7.96 -9.51
CA GLU E 95 21.45 -7.24 -8.93
C GLU E 95 21.56 -6.99 -7.43
N MET E 96 20.78 -6.02 -6.97
CA MET E 96 20.71 -5.60 -5.58
C MET E 96 20.19 -6.72 -4.67
N VAL E 97 20.82 -6.87 -3.52
CA VAL E 97 20.38 -7.84 -2.52
C VAL E 97 19.75 -6.99 -1.43
N VAL E 98 18.53 -7.33 -1.01
CA VAL E 98 17.86 -6.57 0.03
C VAL E 98 17.48 -7.45 1.22
N VAL E 99 18.05 -7.14 2.38
CA VAL E 99 17.75 -7.87 3.60
C VAL E 99 16.92 -6.89 4.44
N LYS E 100 15.61 -7.08 4.47
CA LYS E 100 14.77 -6.18 5.24
C LYS E 100 14.21 -6.74 6.54
N GLY E 101 13.70 -5.85 7.39
CA GLY E 101 13.11 -6.27 8.65
C GLY E 101 13.98 -6.85 9.74
N VAL E 102 15.27 -6.51 9.77
CA VAL E 102 16.15 -7.01 10.83
C VAL E 102 15.84 -6.22 12.09
N GLU E 103 15.07 -6.81 13.01
CA GLU E 103 14.74 -6.10 14.24
C GLU E 103 15.97 -5.78 15.08
N PHE E 104 15.95 -4.64 15.75
CA PHE E 104 17.07 -4.22 16.59
C PHE E 104 16.55 -3.57 17.86
N TYR E 105 17.43 -3.50 18.86
CA TYR E 105 17.12 -2.87 20.14
C TYR E 105 18.38 -2.11 20.52
N SER E 106 18.20 -0.86 20.91
CA SER E 106 19.32 -0.03 21.31
C SER E 106 18.92 0.86 22.49
N MET E 107 19.88 1.65 22.96
CA MET E 107 19.69 2.56 24.08
C MET E 107 20.08 3.96 23.63
N CYS E 108 19.19 4.94 23.82
CA CYS E 108 19.54 6.29 23.42
C CYS E 108 20.54 6.85 24.44
N GLU E 109 21.60 7.47 23.92
CA GLU E 109 22.64 8.00 24.78
C GLU E 109 22.21 9.22 25.60
N HIS E 110 21.12 9.87 25.18
CA HIS E 110 20.62 11.06 25.87
C HIS E 110 19.85 10.77 27.15
N HIS E 111 19.06 9.69 27.18
CA HIS E 111 18.28 9.37 28.36
C HIS E 111 18.49 7.96 28.90
N LEU E 112 19.25 7.15 28.18
CA LEU E 112 19.51 5.76 28.58
C LEU E 112 18.22 4.93 28.64
N LEU E 113 17.31 5.20 27.71
CA LEU E 113 16.07 4.47 27.59
C LEU E 113 16.07 3.80 26.21
N PRO E 114 15.45 2.62 26.09
CA PRO E 114 15.43 1.91 24.81
C PRO E 114 14.69 2.55 23.62
N PHE E 115 15.22 2.25 22.44
CA PHE E 115 14.59 2.64 21.19
C PHE E 115 14.83 1.40 20.33
N PHE E 116 13.81 0.98 19.60
CA PHE E 116 13.90 -0.25 18.84
C PHE E 116 13.07 -0.19 17.57
N GLY E 117 13.27 -1.16 16.70
CA GLY E 117 12.52 -1.20 15.46
C GLY E 117 13.12 -2.17 14.48
N LYS E 118 13.30 -1.73 13.24
CA LYS E 118 13.87 -2.58 12.20
C LYS E 118 14.94 -1.88 11.36
N VAL E 119 15.84 -2.68 10.82
CA VAL E 119 16.91 -2.18 9.96
C VAL E 119 16.78 -2.86 8.61
N HIS E 120 16.74 -2.05 7.55
CA HIS E 120 16.61 -2.56 6.20
C HIS E 120 17.93 -2.31 5.47
N ILE E 121 18.54 -3.39 4.98
CA ILE E 121 19.80 -3.29 4.28
C ILE E 121 19.73 -3.66 2.81
N GLY E 122 20.30 -2.80 1.99
CA GLY E 122 20.34 -3.04 0.55
C GLY E 122 21.73 -2.79 -0.01
N TYR E 123 22.17 -3.65 -0.93
CA TYR E 123 23.49 -3.47 -1.54
C TYR E 123 23.67 -4.14 -2.89
N ILE E 124 24.57 -3.59 -3.68
CA ILE E 124 24.93 -4.11 -4.99
C ILE E 124 26.37 -4.61 -4.85
N PRO E 125 26.60 -5.90 -5.06
CA PRO E 125 27.92 -6.52 -4.95
C PRO E 125 28.93 -6.13 -6.01
N ASP E 126 30.20 -6.34 -5.67
CA ASP E 126 31.31 -6.13 -6.56
C ASP E 126 32.19 -7.33 -6.26
N GLY E 127 31.73 -8.51 -6.71
CA GLY E 127 32.47 -9.73 -6.50
C GLY E 127 32.27 -10.47 -5.18
N LYS E 128 31.70 -9.81 -4.17
CA LYS E 128 31.50 -10.46 -2.87
C LYS E 128 30.12 -10.23 -2.24
N ILE E 129 29.56 -11.31 -1.69
CA ILE E 129 28.27 -11.24 -0.99
C ILE E 129 28.46 -11.75 0.42
N LEU E 130 27.63 -11.26 1.34
CA LEU E 130 27.74 -11.65 2.74
C LEU E 130 26.66 -12.65 3.15
N GLY E 131 27.00 -13.50 4.11
CA GLY E 131 26.03 -14.46 4.63
C GLY E 131 24.95 -13.63 5.28
N LEU E 132 23.69 -13.87 4.89
CA LEU E 132 22.56 -13.12 5.42
C LEU E 132 22.55 -12.92 6.93
N SER E 133 22.88 -13.96 7.68
CA SER E 133 22.90 -13.88 9.14
C SER E 133 23.91 -12.86 9.68
N LYS E 134 24.96 -12.57 8.90
CA LYS E 134 26.00 -11.64 9.33
C LYS E 134 25.52 -10.19 9.34
N PHE E 135 24.52 -9.90 8.52
CA PHE E 135 23.94 -8.57 8.48
C PHE E 135 23.29 -8.26 9.83
N ALA E 136 22.61 -9.25 10.39
CA ALA E 136 21.95 -9.12 11.69
C ALA E 136 23.01 -9.00 12.78
N ARG E 137 24.11 -9.74 12.64
CA ARG E 137 25.19 -9.69 13.62
C ARG E 137 25.88 -8.33 13.59
N ILE E 138 25.98 -7.73 12.40
CA ILE E 138 26.59 -6.40 12.26
C ILE E 138 25.63 -5.37 12.89
N VAL E 139 24.34 -5.54 12.61
CA VAL E 139 23.32 -4.65 13.18
C VAL E 139 23.40 -4.70 14.71
N ASP E 140 23.49 -5.89 15.28
CA ASP E 140 23.57 -6.04 16.74
C ASP E 140 24.84 -5.44 17.35
N MET E 141 25.94 -5.46 16.60
CA MET E 141 27.21 -4.91 17.05
C MET E 141 27.11 -3.40 17.33
N PHE E 142 26.41 -2.69 16.46
CA PHE E 142 26.27 -1.26 16.64
C PHE E 142 25.04 -0.84 17.43
N ALA E 143 24.04 -1.71 17.48
CA ALA E 143 22.81 -1.43 18.23
C ALA E 143 23.05 -1.58 19.72
N ARG E 144 23.81 -2.59 20.10
CA ARG E 144 24.10 -2.84 21.51
C ARG E 144 25.19 -1.91 22.03
N ARG E 145 24.86 -0.63 22.02
CA ARG E 145 25.72 0.46 22.44
C ARG E 145 24.78 1.60 22.83
N LEU E 146 25.35 2.71 23.29
CA LEU E 146 24.58 3.90 23.59
C LEU E 146 24.61 4.55 22.21
N GLN E 147 23.43 4.89 21.68
CA GLN E 147 23.31 5.43 20.34
C GLN E 147 22.33 6.60 20.16
N VAL E 148 22.31 7.08 18.92
CA VAL E 148 21.40 8.10 18.39
C VAL E 148 21.08 7.40 17.06
N GLN E 149 19.81 7.36 16.66
CA GLN E 149 19.44 6.64 15.45
C GLN E 149 20.13 7.06 14.16
N GLU E 150 20.47 8.33 14.06
CA GLU E 150 21.16 8.86 12.89
C GLU E 150 22.52 8.17 12.75
N ARG E 151 23.24 8.02 13.87
CA ARG E 151 24.54 7.36 13.89
C ARG E 151 24.49 5.88 13.58
N LEU E 152 23.51 5.20 14.17
CA LEU E 152 23.34 3.75 14.01
C LEU E 152 23.31 3.33 12.55
N ALA E 153 22.59 4.10 11.74
CA ALA E 153 22.45 3.80 10.32
C ALA E 153 23.77 3.98 9.56
N VAL E 154 24.52 5.04 9.84
CA VAL E 154 25.78 5.28 9.14
C VAL E 154 26.82 4.22 9.49
N GLN E 155 26.88 3.86 10.77
CA GLN E 155 27.85 2.86 11.21
C GLN E 155 27.57 1.50 10.63
N ILE E 156 26.29 1.14 10.51
CA ILE E 156 25.95 -0.15 9.93
C ILE E 156 26.34 -0.13 8.46
N ALA E 157 25.99 0.93 7.76
CA ALA E 157 26.31 1.06 6.34
C ALA E 157 27.83 1.02 6.11
N GLU E 158 28.58 1.75 6.93
CA GLU E 158 30.03 1.79 6.80
C GLU E 158 30.71 0.46 7.09
N ALA E 159 30.16 -0.30 8.04
CA ALA E 159 30.71 -1.60 8.38
C ALA E 159 30.53 -2.56 7.20
N ILE E 160 29.36 -2.50 6.57
CA ILE E 160 29.07 -3.35 5.42
C ILE E 160 29.97 -2.98 4.24
N GLN E 161 30.25 -1.69 4.11
CA GLN E 161 31.11 -1.16 3.07
C GLN E 161 32.54 -1.69 3.25
N GLU E 162 32.99 -1.73 4.50
CA GLU E 162 34.34 -2.20 4.81
C GLU E 162 34.51 -3.70 4.55
N VAL E 163 33.53 -4.48 4.98
CA VAL E 163 33.55 -5.93 4.81
C VAL E 163 33.44 -6.40 3.37
N LEU E 164 32.54 -5.79 2.61
CA LEU E 164 32.32 -6.21 1.24
C LEU E 164 32.88 -5.34 0.14
N GLU E 165 33.10 -4.05 0.42
CA GLU E 165 33.58 -3.13 -0.60
C GLU E 165 32.68 -3.28 -1.83
N PRO E 166 31.36 -3.11 -1.64
CA PRO E 166 30.35 -3.23 -2.71
C PRO E 166 30.32 -2.01 -3.60
N GLN E 167 29.54 -2.08 -4.68
CA GLN E 167 29.38 -0.95 -5.57
C GLN E 167 28.63 0.15 -4.81
N GLY E 168 27.78 -0.28 -3.88
CA GLY E 168 27.02 0.64 -3.07
C GLY E 168 26.26 -0.06 -1.96
N VAL E 169 25.92 0.70 -0.91
CA VAL E 169 25.18 0.18 0.24
C VAL E 169 24.13 1.18 0.68
N GLY E 170 22.98 0.65 1.11
CA GLY E 170 21.90 1.47 1.60
C GLY E 170 21.37 0.89 2.89
N VAL E 171 21.22 1.73 3.91
CA VAL E 171 20.70 1.30 5.21
C VAL E 171 19.61 2.25 5.68
N VAL E 172 18.46 1.68 6.05
CA VAL E 172 17.34 2.46 6.55
C VAL E 172 16.98 1.93 7.93
N VAL E 173 16.94 2.81 8.92
CA VAL E 173 16.60 2.41 10.26
C VAL E 173 15.30 3.09 10.64
N GLU E 174 14.37 2.32 11.18
CA GLU E 174 13.09 2.86 11.57
C GLU E 174 12.77 2.40 12.97
N GLY E 175 12.72 3.34 13.91
CA GLY E 175 12.45 2.91 15.26
C GLY E 175 11.53 3.78 16.07
N VAL E 176 11.05 3.21 17.18
CA VAL E 176 10.19 3.96 18.08
C VAL E 176 11.06 4.23 19.31
N HIS E 177 10.89 5.41 19.91
CA HIS E 177 11.70 5.82 21.05
C HIS E 177 10.92 6.00 22.34
N LEU E 178 11.24 5.17 23.34
CA LEU E 178 10.57 5.24 24.64
C LEU E 178 10.80 6.54 25.38
N CYS E 179 11.94 7.19 25.13
CA CYS E 179 12.26 8.46 25.79
C CYS E 179 11.28 9.54 25.31
N MET E 180 10.51 9.19 24.29
CA MET E 180 9.52 10.07 23.70
C MET E 180 8.12 9.57 24.02
N MET E 181 8.01 8.28 24.35
CA MET E 181 6.73 7.66 24.65
C MET E 181 6.36 7.50 26.11
N MET E 182 7.33 7.10 26.94
CA MET E 182 7.03 6.91 28.35
C MET E 182 7.49 8.03 29.27
N ARG E 183 7.90 9.14 28.67
CA ARG E 183 8.40 10.29 29.43
C ARG E 183 8.35 11.52 28.54
N GLY E 184 8.60 12.70 29.14
CA GLY E 184 8.59 13.95 28.40
C GLY E 184 7.32 14.26 27.63
N VAL E 185 7.45 14.39 26.31
CA VAL E 185 6.33 14.68 25.42
C VAL E 185 5.23 13.62 25.46
N GLU E 186 5.63 12.37 25.65
CA GLU E 186 4.69 11.26 25.73
C GLU E 186 3.83 10.99 24.50
N LYS E 187 4.38 11.21 23.31
CA LYS E 187 3.65 10.94 22.06
C LYS E 187 3.62 9.42 21.89
N GLN E 188 2.56 8.93 21.25
CA GLN E 188 2.37 7.49 21.06
C GLN E 188 2.41 6.93 19.65
N HIS E 189 2.09 7.74 18.66
CA HIS E 189 2.05 7.28 17.28
C HIS E 189 3.29 7.51 16.43
N SER E 190 4.30 8.13 17.04
CA SER E 190 5.51 8.47 16.33
C SER E 190 6.58 7.40 16.16
N ARG E 191 7.26 7.46 15.02
CA ARG E 191 8.38 6.57 14.73
C ARG E 191 9.34 7.34 13.83
N THR E 192 10.65 7.09 14.00
CA THR E 192 11.67 7.81 13.25
C THR E 192 12.42 7.00 12.22
N VAL E 193 12.64 7.63 11.07
CA VAL E 193 13.37 7.00 9.99
C VAL E 193 14.68 7.72 9.77
N THR E 194 15.76 6.97 9.78
CA THR E 194 17.09 7.51 9.51
C THR E 194 17.70 6.56 8.48
N SER E 195 18.68 7.04 7.74
CA SER E 195 19.32 6.21 6.73
C SER E 195 20.72 6.67 6.39
N ALA E 196 21.42 5.83 5.64
CA ALA E 196 22.77 6.08 5.18
C ALA E 196 22.89 5.43 3.81
N MET E 197 23.42 6.19 2.85
CA MET E 197 23.59 5.71 1.47
C MET E 197 25.04 5.93 1.02
N LEU E 198 25.70 4.85 0.63
CA LEU E 198 27.10 4.88 0.19
C LEU E 198 27.23 4.33 -1.23
N GLY E 199 28.27 4.78 -1.94
CA GLY E 199 28.50 4.32 -3.29
C GLY E 199 27.41 4.66 -4.28
N VAL E 200 27.00 3.68 -5.07
CA VAL E 200 25.95 3.90 -6.07
C VAL E 200 24.58 4.20 -5.49
N PHE E 201 24.34 3.86 -4.24
CA PHE E 201 23.05 4.14 -3.60
C PHE E 201 22.91 5.64 -3.34
N ARG E 202 24.05 6.32 -3.21
CA ARG E 202 24.06 7.76 -2.98
C ARG E 202 24.08 8.51 -4.30
N GLU E 203 24.87 8.01 -5.26
CA GLU E 203 25.02 8.67 -6.54
C GLU E 203 24.07 8.30 -7.69
N ASN E 204 23.40 7.17 -7.58
CA ASN E 204 22.46 6.74 -8.63
C ASN E 204 21.05 6.85 -8.08
N GLN E 205 20.32 7.86 -8.58
CA GLN E 205 18.95 8.14 -8.16
C GLN E 205 18.01 6.94 -8.32
N LYS E 206 18.04 6.32 -9.48
CA LYS E 206 17.19 5.17 -9.77
C LYS E 206 17.49 3.99 -8.85
N THR E 207 18.77 3.77 -8.56
CA THR E 207 19.17 2.68 -7.69
C THR E 207 18.61 2.88 -6.27
N ARG E 208 18.68 4.12 -5.79
CA ARG E 208 18.20 4.45 -4.45
C ARG E 208 16.69 4.22 -4.38
N GLU E 209 15.98 4.78 -5.36
CA GLU E 209 14.53 4.66 -5.44
C GLU E 209 14.10 3.20 -5.49
N GLU E 210 14.82 2.39 -6.26
CA GLU E 210 14.49 0.97 -6.37
C GLU E 210 14.62 0.29 -5.00
N PHE E 211 15.64 0.66 -4.24
CA PHE E 211 15.87 0.11 -2.90
C PHE E 211 14.73 0.55 -1.97
N LEU E 212 14.45 1.85 -1.95
CA LEU E 212 13.38 2.38 -1.09
C LEU E 212 12.00 1.83 -1.45
N SER E 213 11.79 1.55 -2.75
CA SER E 213 10.53 0.99 -3.24
C SER E 213 10.33 -0.44 -2.73
N HIS E 214 11.42 -1.19 -2.64
CA HIS E 214 11.35 -2.57 -2.12
C HIS E 214 10.89 -2.58 -0.67
N LEU E 215 11.10 -1.48 0.05
CA LEU E 215 10.70 -1.40 1.44
C LEU E 215 9.23 -1.06 1.65
N ARG E 216 8.55 -0.63 0.59
CA ARG E 216 7.13 -0.29 0.70
C ARG E 216 6.25 -1.52 0.47
#